data_5QSS
#
_entry.id   5QSS
#
_cell.length_a   155.347
_cell.length_b   167.209
_cell.length_c   48.177
_cell.angle_alpha   90.000
_cell.angle_beta   90.000
_cell.angle_gamma   90.000
#
_symmetry.space_group_name_H-M   'P 21 21 2'
#
loop_
_entity.id
_entity.type
_entity.pdbx_description
1 polymer 'Cohesin subunit SA-1'
2 non-polymer N-(2-hydroxy-4-methylphenyl)-2-methylbenzamide
3 water water
#
_entity_poly.entity_id   1
_entity_poly.type   'polypeptide(L)'
_entity_poly.pdbx_seq_one_letter_code
;SMSPNGNLIRMLVLFFLESELHEHAAYLVDSLWESSQELLKDWECMTELLLEEPVQGEEAMSDRQESALIELMVCTIRQA
AEAHPPVGRGTGKRVLTAKERKTQIDDRNKLTEHFIITLPMLLSKYSADAEKVANLLQIPQYFDLEIYSTGRMEKHLDAL
LKQIKFVVEKHVESDVLEACSKTYSILCSEEYTIQNRVDIARSQLIDEFVDRFNHSVEDLLQEGEEADDDDIYNVLSTLK
RLTSFHNAHDLTKWDLFGNCYRLLKTGIEHGAMPEQIVVQALQCSHYSILWQLVKITDGSPSKEDLLVLRKTVKSFLAVC
QQCLSNVNTPVKEQAFMLLCDLLMIFSHQLMTGGREGLQPLVFNPDTGLQSELLSFVMDHVFIDQDEENQSMEGDEEDEA
NKIEALHKRRNLLAAFSKLIIYDIVDMHAAADIFKHYMKYYNDYGDIIKETLSKTRQID
;
_entity_poly.pdbx_strand_id   A,B
#
loop_
_chem_comp.id
_chem_comp.type
_chem_comp.name
_chem_comp.formula
O2P non-polymer N-(2-hydroxy-4-methylphenyl)-2-methylbenzamide 'C15 H15 N O2'
#
# COMPACT_ATOMS: atom_id res chain seq x y z
N MET A 2 39.74 -9.54 -25.32
CA MET A 2 38.53 -10.23 -25.89
C MET A 2 38.61 -11.75 -25.65
N SER A 3 39.47 -12.45 -26.40
CA SER A 3 39.97 -13.82 -26.10
C SER A 3 41.29 -13.76 -25.31
N PRO A 4 42.19 -12.74 -25.50
CA PRO A 4 43.30 -12.52 -24.57
C PRO A 4 42.96 -12.44 -23.07
N ASN A 5 41.92 -11.69 -22.70
CA ASN A 5 41.44 -11.60 -21.29
C ASN A 5 40.71 -12.88 -20.89
N GLY A 6 40.16 -13.63 -21.85
CA GLY A 6 39.49 -14.92 -21.60
C GLY A 6 40.48 -16.01 -21.23
N ASN A 7 41.73 -15.90 -21.68
CA ASN A 7 42.83 -16.80 -21.27
C ASN A 7 43.16 -16.49 -19.82
N LEU A 8 43.53 -15.24 -19.54
CA LEU A 8 43.98 -14.80 -18.19
C LEU A 8 42.98 -15.28 -17.12
N ILE A 9 41.68 -15.17 -17.38
CA ILE A 9 40.61 -15.52 -16.41
C ILE A 9 40.42 -17.04 -16.32
N ARG A 10 40.50 -17.76 -17.45
CA ARG A 10 40.38 -19.25 -17.50
C ARG A 10 41.55 -19.88 -16.75
N MET A 11 42.71 -19.21 -16.70
CA MET A 11 43.89 -19.68 -15.92
C MET A 11 43.70 -19.21 -14.45
N LEU A 12 43.18 -18.00 -14.23
CA LEU A 12 42.92 -17.53 -12.85
C LEU A 12 42.01 -18.52 -12.13
N VAL A 13 40.96 -19.03 -12.78
CA VAL A 13 40.04 -20.07 -12.19
C VAL A 13 40.84 -21.33 -11.87
N LEU A 14 41.89 -21.62 -12.63
CA LEU A 14 42.77 -22.79 -12.37
C LEU A 14 43.67 -22.49 -11.16
N PHE A 15 44.38 -21.34 -11.18
CA PHE A 15 45.32 -20.95 -10.10
C PHE A 15 44.60 -21.01 -8.74
N PHE A 16 43.31 -20.65 -8.68
CA PHE A 16 42.47 -20.67 -7.46
C PHE A 16 42.12 -22.12 -7.07
N LEU A 17 41.70 -22.94 -8.03
CA LEU A 17 41.16 -24.32 -7.78
C LEU A 17 42.31 -25.30 -7.52
N GLU A 18 43.42 -25.17 -8.24
CA GLU A 18 44.48 -26.21 -8.31
C GLU A 18 45.46 -26.02 -7.14
N SER A 19 45.80 -24.77 -6.83
CA SER A 19 46.69 -24.42 -5.70
C SER A 19 45.86 -24.27 -4.43
N GLU A 20 46.44 -24.55 -3.27
CA GLU A 20 45.74 -24.40 -1.97
C GLU A 20 46.09 -23.01 -1.41
N LEU A 21 46.70 -22.12 -2.22
CA LEU A 21 47.32 -20.84 -1.78
C LEU A 21 46.26 -19.77 -1.45
N HIS A 22 45.03 -19.95 -1.92
CA HIS A 22 43.86 -19.11 -1.58
C HIS A 22 42.64 -20.02 -1.38
N GLU A 23 42.23 -20.20 -0.12
CA GLU A 23 41.08 -21.03 0.32
C GLU A 23 39.79 -20.29 -0.03
N HIS A 24 39.85 -18.96 0.10
CA HIS A 24 38.72 -18.01 -0.08
C HIS A 24 38.88 -17.17 -1.36
N ALA A 25 37.98 -17.40 -2.32
CA ALA A 25 37.82 -16.57 -3.54
C ALA A 25 37.91 -15.06 -3.19
N ALA A 26 37.08 -14.56 -2.27
CA ALA A 26 36.99 -13.12 -1.89
C ALA A 26 38.37 -12.56 -1.52
N TYR A 27 39.22 -13.37 -0.87
CA TYR A 27 40.58 -12.96 -0.42
C TYR A 27 41.51 -12.90 -1.64
N LEU A 28 41.44 -13.89 -2.53
CA LEU A 28 42.21 -13.97 -3.81
C LEU A 28 41.99 -12.68 -4.60
N VAL A 29 40.72 -12.41 -4.93
CA VAL A 29 40.28 -11.22 -5.73
C VAL A 29 40.83 -9.96 -5.07
N ASP A 30 40.68 -9.84 -3.74
CA ASP A 30 41.11 -8.63 -2.98
C ASP A 30 42.61 -8.40 -3.20
N SER A 31 43.40 -9.48 -3.14
CA SER A 31 44.88 -9.45 -3.17
C SER A 31 45.36 -8.92 -4.51
N LEU A 32 44.64 -9.26 -5.56
CA LEU A 32 44.99 -8.90 -6.95
C LEU A 32 44.41 -7.52 -7.30
N TRP A 33 43.57 -6.95 -6.45
CA TRP A 33 42.67 -5.84 -6.84
C TRP A 33 43.49 -4.58 -7.16
N GLU A 34 44.53 -4.28 -6.39
CA GLU A 34 45.45 -3.14 -6.65
C GLU A 34 46.04 -3.29 -8.07
N SER A 35 46.53 -4.49 -8.40
CA SER A 35 47.40 -4.78 -9.57
C SER A 35 46.59 -5.17 -10.80
N SER A 36 45.44 -5.81 -10.61
CA SER A 36 44.69 -6.51 -11.69
C SER A 36 43.19 -6.14 -11.67
N GLN A 37 42.86 -4.87 -11.44
CA GLN A 37 41.46 -4.36 -11.36
C GLN A 37 40.83 -4.47 -12.76
N GLU A 38 41.45 -3.84 -13.76
CA GLU A 38 41.00 -3.78 -15.18
C GLU A 38 40.49 -5.16 -15.60
N LEU A 39 41.37 -6.17 -15.58
CA LEU A 39 41.06 -7.59 -15.91
C LEU A 39 39.86 -8.11 -15.08
N LEU A 40 39.84 -7.83 -13.78
CA LEU A 40 38.88 -8.44 -12.81
C LEU A 40 37.49 -7.82 -12.95
N LYS A 41 37.37 -6.65 -13.61
CA LYS A 41 36.07 -5.99 -13.93
C LYS A 41 35.73 -6.12 -15.44
N ASP A 42 36.24 -7.15 -16.13
CA ASP A 42 35.81 -7.50 -17.51
C ASP A 42 34.67 -8.53 -17.40
N TRP A 43 33.49 -8.07 -16.97
CA TRP A 43 32.30 -8.93 -16.68
C TRP A 43 31.71 -9.50 -17.99
N GLU A 44 31.85 -8.77 -19.10
CA GLU A 44 31.42 -9.20 -20.45
C GLU A 44 32.23 -10.46 -20.83
N CYS A 45 33.53 -10.45 -20.51
CA CYS A 45 34.47 -11.58 -20.77
C CYS A 45 34.01 -12.84 -20.02
N MET A 46 33.63 -12.68 -18.75
CA MET A 46 33.17 -13.79 -17.87
C MET A 46 31.82 -14.34 -18.38
N THR A 47 30.77 -13.51 -18.42
CA THR A 47 29.40 -13.93 -18.78
C THR A 47 29.43 -14.63 -20.14
N GLU A 48 30.38 -14.22 -20.99
CA GLU A 48 30.66 -14.83 -22.32
C GLU A 48 31.07 -16.29 -22.08
N LEU A 49 32.17 -16.48 -21.33
CA LEU A 49 32.80 -17.80 -21.10
C LEU A 49 31.79 -18.77 -20.51
N LEU A 50 30.75 -18.26 -19.84
CA LEU A 50 29.76 -19.06 -19.07
C LEU A 50 28.55 -19.43 -19.94
N LEU A 51 28.25 -18.62 -20.96
CA LEU A 51 27.02 -18.79 -21.77
C LEU A 51 27.35 -19.40 -23.15
N GLU A 52 28.54 -19.09 -23.69
CA GLU A 52 29.00 -19.55 -25.03
C GLU A 52 29.15 -21.07 -25.03
N GLU A 53 29.07 -21.67 -26.23
CA GLU A 53 29.42 -23.09 -26.49
C GLU A 53 30.83 -23.12 -27.10
N PRO A 54 31.63 -24.18 -26.86
CA PRO A 54 33.05 -24.16 -27.18
C PRO A 54 33.34 -24.53 -28.65
N VAL A 55 34.59 -24.32 -29.07
CA VAL A 55 35.11 -24.61 -30.44
C VAL A 55 35.90 -25.92 -30.40
N GLU A 58 39.89 -25.59 -29.57
CA GLU A 58 38.76 -26.31 -28.91
C GLU A 58 38.98 -26.27 -27.38
N GLU A 59 38.27 -27.13 -26.64
CA GLU A 59 38.25 -27.29 -25.15
C GLU A 59 37.01 -26.56 -24.59
N ALA A 60 36.30 -27.20 -23.64
CA ALA A 60 35.14 -26.66 -22.90
C ALA A 60 35.56 -26.38 -21.44
N MET A 61 34.64 -25.89 -20.61
CA MET A 61 34.83 -25.71 -19.15
C MET A 61 34.25 -26.93 -18.40
N SER A 62 34.77 -27.21 -17.21
CA SER A 62 34.33 -28.32 -16.32
C SER A 62 33.35 -27.80 -15.27
N ASP A 63 32.32 -28.59 -14.94
CA ASP A 63 31.22 -28.17 -14.02
C ASP A 63 31.87 -27.45 -12.82
N ARG A 64 32.92 -28.02 -12.25
CA ARG A 64 33.67 -27.45 -11.08
C ARG A 64 34.22 -26.07 -11.42
N GLN A 65 34.85 -25.92 -12.58
CA GLN A 65 35.55 -24.67 -13.00
C GLN A 65 34.51 -23.58 -13.28
N GLU A 66 33.41 -23.97 -13.93
CA GLU A 66 32.23 -23.09 -14.12
C GLU A 66 31.87 -22.48 -12.74
N SER A 67 31.42 -23.32 -11.80
CA SER A 67 31.10 -22.94 -10.39
C SER A 67 32.12 -21.94 -9.83
N ALA A 68 33.42 -22.13 -10.10
CA ALA A 68 34.53 -21.31 -9.58
C ALA A 68 34.56 -19.93 -10.25
N LEU A 69 34.29 -19.89 -11.56
CA LEU A 69 34.19 -18.61 -12.31
C LEU A 69 33.03 -17.78 -11.72
N ILE A 70 31.82 -18.35 -11.71
CA ILE A 70 30.63 -17.74 -11.04
C ILE A 70 31.04 -17.16 -9.68
N GLU A 71 31.72 -17.93 -8.81
CA GLU A 71 32.05 -17.48 -7.43
C GLU A 71 33.06 -16.33 -7.48
N LEU A 72 34.10 -16.43 -8.30
CA LEU A 72 35.13 -15.36 -8.42
C LEU A 72 34.44 -14.08 -8.91
N MET A 73 33.64 -14.21 -9.98
CA MET A 73 32.80 -13.15 -10.63
C MET A 73 32.04 -12.33 -9.56
N VAL A 74 31.18 -12.98 -8.79
CA VAL A 74 30.35 -12.35 -7.71
C VAL A 74 31.27 -11.54 -6.79
N CYS A 75 32.44 -12.06 -6.44
CA CYS A 75 33.44 -11.41 -5.54
C CYS A 75 34.05 -10.17 -6.21
N THR A 76 34.16 -10.17 -7.55
CA THR A 76 34.64 -9.01 -8.33
C THR A 76 33.55 -7.94 -8.33
N ILE A 77 32.29 -8.37 -8.49
CA ILE A 77 31.07 -7.49 -8.51
C ILE A 77 30.94 -6.77 -7.16
N ARG A 78 31.00 -7.51 -6.05
CA ARG A 78 31.01 -6.93 -4.69
C ARG A 78 32.15 -5.91 -4.64
N GLN A 79 33.41 -6.34 -4.80
CA GLN A 79 34.55 -5.43 -4.52
C GLN A 79 34.38 -4.14 -5.32
N ALA A 80 33.85 -4.22 -6.55
CA ALA A 80 33.66 -3.03 -7.42
C ALA A 80 32.59 -2.13 -6.79
N ALA A 81 31.41 -2.69 -6.51
CA ALA A 81 30.27 -1.97 -5.91
C ALA A 81 30.72 -1.25 -4.61
N GLU A 82 31.23 -2.00 -3.63
CA GLU A 82 31.50 -1.54 -2.24
C GLU A 82 32.71 -0.59 -2.24
N ALA A 83 33.73 -0.91 -3.04
CA ALA A 83 34.98 -0.14 -3.25
C ALA A 83 35.84 -0.18 -1.98
N HIS A 84 35.83 -1.33 -1.29
CA HIS A 84 36.69 -1.67 -0.13
C HIS A 84 36.98 -3.17 -0.12
N PRO A 85 38.12 -3.61 0.47
CA PRO A 85 38.40 -5.05 0.66
C PRO A 85 37.32 -5.78 1.45
N PRO A 86 37.11 -7.10 1.23
CA PRO A 86 35.95 -7.80 1.82
C PRO A 86 36.03 -7.94 3.35
N VAL A 87 34.94 -8.40 3.95
CA VAL A 87 34.84 -8.67 5.41
C VAL A 87 36.01 -9.56 5.82
N GLY A 88 36.93 -9.01 6.61
CA GLY A 88 38.07 -9.76 7.18
C GLY A 88 39.38 -9.45 6.47
N ARG A 89 39.43 -8.38 5.68
CA ARG A 89 40.69 -7.85 5.08
C ARG A 89 40.68 -6.32 5.09
N GLY A 90 39.76 -5.68 5.84
CA GLY A 90 39.48 -4.23 5.75
C GLY A 90 40.59 -3.37 6.34
N THR A 91 40.22 -2.20 6.89
CA THR A 91 41.01 -1.37 7.85
C THR A 91 40.02 -0.55 8.69
N ARG A 94 40.16 4.03 5.38
CA ARG A 94 38.80 3.94 4.77
C ARG A 94 38.21 5.36 4.62
N VAL A 95 38.64 6.10 3.58
CA VAL A 95 38.08 7.40 3.06
C VAL A 95 38.39 7.53 1.55
N LEU A 96 37.42 7.29 0.65
CA LEU A 96 37.63 7.35 -0.82
C LEU A 96 38.07 8.76 -1.22
N THR A 97 38.93 8.85 -2.25
CA THR A 97 39.37 10.11 -2.91
C THR A 97 38.41 10.41 -4.07
N ALA A 98 38.50 11.63 -4.62
CA ALA A 98 37.69 12.12 -5.77
C ALA A 98 37.55 10.98 -6.80
N LYS A 99 38.68 10.55 -7.35
CA LYS A 99 38.79 9.59 -8.48
C LYS A 99 38.24 8.22 -8.07
N GLU A 100 38.59 7.76 -6.86
CA GLU A 100 38.14 6.44 -6.31
C GLU A 100 36.61 6.38 -6.37
N ARG A 101 35.96 7.49 -6.02
CA ARG A 101 34.48 7.58 -5.93
C ARG A 101 33.91 7.67 -7.36
N LYS A 102 34.55 8.47 -8.21
CA LYS A 102 34.20 8.64 -9.66
C LYS A 102 34.20 7.25 -10.33
N THR A 103 35.22 6.43 -10.05
CA THR A 103 35.42 5.05 -10.59
C THR A 103 34.30 4.14 -10.11
N GLN A 104 33.97 4.22 -8.80
CA GLN A 104 32.96 3.36 -8.13
C GLN A 104 31.60 3.55 -8.82
N ILE A 105 31.14 4.80 -9.00
CA ILE A 105 29.81 5.08 -9.61
C ILE A 105 29.81 4.40 -10.99
N ASP A 106 30.91 4.58 -11.74
CA ASP A 106 31.06 4.11 -13.15
C ASP A 106 30.96 2.58 -13.17
N ASP A 107 31.69 1.89 -12.27
CA ASP A 107 31.70 0.41 -12.12
C ASP A 107 30.27 -0.09 -11.82
N ARG A 108 29.58 0.58 -10.88
CA ARG A 108 28.20 0.22 -10.49
C ARG A 108 27.28 0.31 -11.70
N ASN A 109 27.47 1.34 -12.52
CA ASN A 109 26.67 1.58 -13.76
C ASN A 109 26.87 0.38 -14.70
N LYS A 110 28.13 -0.01 -14.90
CA LYS A 110 28.55 -1.03 -15.91
C LYS A 110 28.04 -2.43 -15.53
N LEU A 111 28.10 -2.79 -14.25
CA LEU A 111 27.75 -4.14 -13.75
C LEU A 111 26.23 -4.28 -13.65
N THR A 112 25.54 -3.17 -13.39
CA THR A 112 24.06 -3.12 -13.41
C THR A 112 23.61 -3.26 -14.87
N GLU A 113 24.05 -2.32 -15.72
CA GLU A 113 23.64 -2.22 -17.14
C GLU A 113 23.87 -3.59 -17.76
N HIS A 114 24.98 -4.22 -17.35
CA HIS A 114 25.42 -5.55 -17.87
C HIS A 114 24.52 -6.64 -17.31
N PHE A 115 24.52 -6.80 -15.98
CA PHE A 115 23.98 -8.03 -15.34
C PHE A 115 22.47 -8.08 -15.50
N ILE A 116 21.79 -6.92 -15.56
CA ILE A 116 20.32 -6.84 -15.76
C ILE A 116 20.00 -7.67 -17.00
N ILE A 117 20.80 -7.48 -18.05
CA ILE A 117 20.69 -8.18 -19.37
C ILE A 117 21.07 -9.64 -19.20
N THR A 118 22.22 -9.91 -18.57
CA THR A 118 22.99 -11.20 -18.58
C THR A 118 22.52 -12.16 -17.49
N LEU A 119 22.16 -11.65 -16.30
CA LEU A 119 21.84 -12.50 -15.11
C LEU A 119 20.60 -13.36 -15.35
N PRO A 120 19.56 -12.85 -16.06
CA PRO A 120 18.44 -13.68 -16.49
C PRO A 120 18.86 -14.90 -17.33
N MET A 121 19.90 -14.74 -18.15
CA MET A 121 20.41 -15.77 -19.11
C MET A 121 21.26 -16.78 -18.35
N LEU A 122 22.05 -16.32 -17.39
CA LEU A 122 22.91 -17.18 -16.54
C LEU A 122 22.00 -18.13 -15.77
N LEU A 123 20.98 -17.59 -15.10
CA LEU A 123 19.99 -18.37 -14.29
C LEU A 123 19.30 -19.38 -15.20
N SER A 124 18.93 -18.93 -16.40
CA SER A 124 18.27 -19.72 -17.46
C SER A 124 19.03 -21.05 -17.65
N LYS A 125 20.34 -20.95 -17.98
CA LYS A 125 21.23 -22.07 -18.39
C LYS A 125 21.49 -23.00 -17.21
N TYR A 126 21.83 -22.44 -16.05
CA TYR A 126 22.22 -23.19 -14.83
C TYR A 126 21.03 -23.41 -13.88
N SER A 127 19.79 -23.21 -14.33
CA SER A 127 18.53 -23.27 -13.53
C SER A 127 18.52 -24.41 -12.49
N ALA A 128 19.08 -25.59 -12.77
CA ALA A 128 18.94 -26.78 -11.89
C ALA A 128 20.18 -26.99 -10.98
N ASP A 129 21.15 -26.08 -10.98
CA ASP A 129 22.40 -26.16 -10.18
C ASP A 129 22.25 -25.26 -8.94
N ALA A 130 21.71 -25.79 -7.84
CA ALA A 130 21.43 -25.06 -6.59
C ALA A 130 22.61 -24.15 -6.22
N GLU A 131 23.80 -24.75 -6.06
CA GLU A 131 25.05 -24.06 -5.60
C GLU A 131 25.33 -22.87 -6.52
N LYS A 132 25.24 -23.08 -7.84
CA LYS A 132 25.48 -22.06 -8.89
C LYS A 132 24.38 -20.97 -8.85
N VAL A 133 23.11 -21.39 -8.82
CA VAL A 133 21.90 -20.51 -8.86
C VAL A 133 21.95 -19.57 -7.65
N ALA A 134 22.17 -20.13 -6.47
CA ALA A 134 22.25 -19.41 -5.18
C ALA A 134 23.40 -18.39 -5.20
N ASN A 135 24.47 -18.66 -5.95
CA ASN A 135 25.68 -17.78 -5.98
C ASN A 135 25.41 -16.64 -6.96
N LEU A 136 24.67 -16.91 -8.02
CA LEU A 136 24.31 -15.88 -9.05
C LEU A 136 23.34 -14.86 -8.44
N LEU A 137 22.49 -15.27 -7.49
CA LEU A 137 21.40 -14.44 -6.89
C LEU A 137 21.93 -13.51 -5.81
N GLN A 138 23.25 -13.49 -5.60
CA GLN A 138 23.95 -12.55 -4.68
C GLN A 138 24.25 -11.27 -5.45
N ILE A 139 23.92 -11.20 -6.74
CA ILE A 139 24.39 -10.14 -7.69
C ILE A 139 23.44 -8.94 -7.68
N PRO A 140 22.10 -9.14 -7.69
CA PRO A 140 21.14 -8.02 -7.71
C PRO A 140 21.28 -6.99 -6.57
N GLN A 141 21.73 -7.46 -5.40
CA GLN A 141 21.87 -6.59 -4.21
C GLN A 141 22.78 -5.40 -4.55
N TYR A 142 23.66 -5.57 -5.53
CA TYR A 142 24.67 -4.56 -5.96
C TYR A 142 24.18 -3.75 -7.16
N PHE A 143 23.01 -4.09 -7.73
CA PHE A 143 22.37 -3.27 -8.79
C PHE A 143 22.10 -1.87 -8.27
N ASP A 144 22.20 -0.92 -9.21
CA ASP A 144 21.77 0.49 -9.16
C ASP A 144 20.31 0.48 -9.66
N LEU A 145 19.43 -0.17 -8.90
CA LEU A 145 18.07 -0.63 -9.32
C LEU A 145 17.26 0.43 -10.08
N GLU A 146 17.58 1.74 -9.94
CA GLU A 146 16.84 2.84 -10.62
C GLU A 146 16.97 2.65 -12.14
N ILE A 147 17.99 1.91 -12.57
CA ILE A 147 18.36 1.71 -14.00
C ILE A 147 17.38 0.72 -14.64
N TYR A 148 16.57 0.00 -13.85
CA TYR A 148 15.46 -0.82 -14.40
C TYR A 148 14.37 0.09 -14.98
N SER A 149 14.50 1.42 -14.83
CA SER A 149 13.68 2.48 -15.52
C SER A 149 14.51 3.16 -16.62
N THR A 150 15.49 3.98 -16.23
CA THR A 150 16.48 4.71 -17.07
C THR A 150 16.75 4.01 -18.43
N GLY A 151 17.21 2.75 -18.42
CA GLY A 151 17.67 2.04 -19.63
C GLY A 151 16.51 1.51 -20.48
N ARG A 152 15.26 1.88 -20.12
CA ARG A 152 13.98 1.35 -20.69
C ARG A 152 14.03 -0.17 -20.62
N MET A 153 14.50 -0.69 -19.48
CA MET A 153 14.97 -2.09 -19.32
C MET A 153 13.89 -2.96 -18.64
N GLU A 154 12.65 -2.52 -18.69
CA GLU A 154 11.48 -3.23 -18.10
C GLU A 154 11.42 -4.66 -18.64
N LYS A 155 11.83 -4.89 -19.90
CA LYS A 155 11.72 -6.22 -20.55
C LYS A 155 12.57 -7.24 -19.77
N HIS A 156 13.71 -6.79 -19.20
CA HIS A 156 14.73 -7.64 -18.55
C HIS A 156 14.36 -7.95 -17.09
N LEU A 157 13.69 -7.02 -16.43
CA LEU A 157 13.14 -7.20 -15.06
C LEU A 157 12.10 -8.33 -15.08
N ASP A 158 11.22 -8.35 -16.09
CA ASP A 158 10.30 -9.47 -16.31
C ASP A 158 11.13 -10.75 -16.45
N ALA A 159 12.31 -10.66 -17.07
CA ALA A 159 13.14 -11.83 -17.47
C ALA A 159 13.81 -12.44 -16.24
N LEU A 160 14.34 -11.60 -15.35
CA LEU A 160 14.87 -12.01 -14.03
C LEU A 160 13.75 -12.76 -13.27
N LEU A 161 12.57 -12.14 -13.18
CA LEU A 161 11.37 -12.65 -12.44
C LEU A 161 10.87 -13.95 -13.08
N LYS A 162 10.91 -14.04 -14.42
CA LYS A 162 10.55 -15.29 -15.12
C LYS A 162 11.47 -16.37 -14.55
N GLN A 163 12.78 -16.08 -14.43
CA GLN A 163 13.82 -17.10 -14.12
C GLN A 163 13.81 -17.42 -12.62
N ILE A 164 13.64 -16.42 -11.76
CA ILE A 164 13.55 -16.60 -10.28
C ILE A 164 12.34 -17.48 -9.98
N LYS A 165 11.21 -17.26 -10.67
CA LYS A 165 10.00 -18.14 -10.57
C LYS A 165 10.40 -19.58 -10.93
N PHE A 166 11.15 -19.76 -12.04
CA PHE A 166 11.55 -21.09 -12.57
C PHE A 166 12.37 -21.84 -11.53
N VAL A 167 13.28 -21.12 -10.86
CA VAL A 167 14.24 -21.71 -9.89
C VAL A 167 13.45 -22.25 -8.68
N VAL A 168 12.65 -21.40 -8.02
CA VAL A 168 11.82 -21.70 -6.81
C VAL A 168 10.89 -22.89 -7.09
N GLU A 169 10.47 -23.04 -8.35
CA GLU A 169 9.55 -24.12 -8.80
C GLU A 169 10.33 -25.42 -9.01
N LYS A 170 11.66 -25.34 -9.18
CA LYS A 170 12.52 -26.52 -9.48
C LYS A 170 13.23 -26.95 -8.18
N HIS A 171 13.22 -26.11 -7.14
CA HIS A 171 14.16 -26.24 -5.99
C HIS A 171 13.45 -26.23 -4.62
N VAL A 172 14.05 -26.93 -3.66
CA VAL A 172 13.59 -27.11 -2.25
C VAL A 172 14.77 -26.88 -1.28
N GLU A 173 16.00 -26.74 -1.78
CA GLU A 173 17.21 -26.51 -0.94
C GLU A 173 17.04 -25.15 -0.26
N SER A 174 17.37 -25.07 1.02
CA SER A 174 17.22 -23.87 1.88
C SER A 174 18.01 -22.69 1.29
N ASP A 175 19.17 -22.95 0.69
CA ASP A 175 20.08 -21.90 0.18
C ASP A 175 19.42 -21.20 -1.01
N VAL A 176 18.83 -21.96 -1.92
CA VAL A 176 18.25 -21.45 -3.19
C VAL A 176 17.06 -20.54 -2.83
N LEU A 177 16.13 -21.07 -2.04
CA LEU A 177 14.82 -20.43 -1.72
C LEU A 177 15.07 -19.14 -0.95
N GLU A 178 15.84 -19.22 0.12
CA GLU A 178 16.31 -18.05 0.90
C GLU A 178 16.99 -17.03 -0.04
N ALA A 179 17.72 -17.51 -1.05
CA ALA A 179 18.46 -16.66 -2.02
C ALA A 179 17.45 -15.96 -2.93
N CYS A 180 16.44 -16.70 -3.39
CA CYS A 180 15.31 -16.21 -4.23
C CYS A 180 14.50 -15.16 -3.46
N SER A 181 14.16 -15.45 -2.21
CA SER A 181 13.38 -14.57 -1.30
C SER A 181 14.07 -13.20 -1.16
N LYS A 182 15.32 -13.20 -0.69
CA LYS A 182 16.14 -11.96 -0.58
C LYS A 182 16.07 -11.16 -1.88
N THR A 183 16.18 -11.82 -3.03
CA THR A 183 16.23 -11.15 -4.36
C THR A 183 14.95 -10.33 -4.56
N TYR A 184 13.79 -10.90 -4.20
CA TYR A 184 12.46 -10.26 -4.27
C TYR A 184 12.42 -9.02 -3.36
N SER A 185 12.90 -9.16 -2.12
CA SER A 185 13.00 -8.05 -1.13
C SER A 185 13.79 -6.89 -1.73
N ILE A 186 14.92 -7.18 -2.38
CA ILE A 186 15.83 -6.16 -2.99
C ILE A 186 15.11 -5.51 -4.17
N LEU A 187 14.47 -6.29 -5.05
CA LEU A 187 13.79 -5.79 -6.27
C LEU A 187 12.61 -4.91 -5.87
N CYS A 188 11.90 -5.26 -4.79
CA CYS A 188 10.80 -4.45 -4.17
C CYS A 188 11.32 -3.11 -3.65
N SER A 189 11.52 -3.02 -2.34
CA SER A 189 11.39 -1.77 -1.54
C SER A 189 12.17 -0.61 -2.18
N GLU A 190 13.25 -0.90 -2.91
CA GLU A 190 14.39 0.04 -3.10
C GLU A 190 14.27 0.87 -4.39
N GLU A 191 13.07 0.96 -4.98
CA GLU A 191 12.72 1.98 -6.02
C GLU A 191 11.25 1.83 -6.39
N TYR A 192 10.41 2.86 -6.14
CA TYR A 192 8.94 2.72 -6.31
C TYR A 192 8.65 2.29 -7.76
N THR A 193 9.37 2.93 -8.68
CA THR A 193 9.23 2.75 -10.14
C THR A 193 8.92 1.28 -10.44
N ILE A 194 9.70 0.35 -9.87
CA ILE A 194 9.62 -1.11 -10.15
C ILE A 194 8.79 -1.84 -9.09
N GLN A 195 8.58 -1.23 -7.91
CA GLN A 195 7.97 -1.89 -6.73
C GLN A 195 6.68 -2.62 -7.14
N ASN A 196 5.81 -1.94 -7.90
CA ASN A 196 4.46 -2.45 -8.22
C ASN A 196 4.59 -3.72 -9.09
N ARG A 197 5.48 -3.68 -10.09
CA ARG A 197 5.68 -4.80 -11.05
C ARG A 197 6.13 -6.04 -10.28
N VAL A 198 7.14 -5.88 -9.43
CA VAL A 198 7.75 -6.99 -8.64
C VAL A 198 6.66 -7.58 -7.74
N ASP A 199 5.91 -6.72 -7.04
CA ASP A 199 4.90 -7.09 -6.01
C ASP A 199 3.92 -8.14 -6.57
N ILE A 200 3.56 -8.01 -7.85
CA ILE A 200 2.50 -8.86 -8.48
C ILE A 200 3.10 -10.23 -8.82
N ALA A 201 4.29 -10.24 -9.44
CA ALA A 201 5.02 -11.46 -9.83
C ALA A 201 5.17 -12.31 -8.57
N ARG A 202 5.40 -11.64 -7.44
CA ARG A 202 5.57 -12.26 -6.12
C ARG A 202 4.23 -12.85 -5.67
N SER A 203 3.24 -12.00 -5.41
CA SER A 203 1.97 -12.43 -4.76
C SER A 203 1.25 -13.45 -5.65
N GLN A 204 1.60 -13.50 -6.95
CA GLN A 204 1.14 -14.59 -7.86
C GLN A 204 1.99 -15.84 -7.59
N LEU A 205 3.31 -15.68 -7.50
CA LEU A 205 4.24 -16.78 -7.13
C LEU A 205 3.69 -17.47 -5.88
N ILE A 206 3.43 -16.68 -4.84
CA ILE A 206 2.94 -17.18 -3.52
C ILE A 206 1.63 -17.96 -3.74
N ASP A 207 0.61 -17.29 -4.28
CA ASP A 207 -0.76 -17.86 -4.47
C ASP A 207 -0.64 -19.30 -4.96
N GLU A 208 0.16 -19.52 -6.02
CA GLU A 208 0.30 -20.83 -6.71
C GLU A 208 0.78 -21.87 -5.73
N PHE A 209 1.61 -21.44 -4.75
CA PHE A 209 2.29 -22.32 -3.75
C PHE A 209 1.35 -22.58 -2.58
N VAL A 210 0.54 -21.59 -2.20
CA VAL A 210 -0.45 -21.73 -1.10
C VAL A 210 -1.56 -22.68 -1.56
N ASP A 211 -2.12 -22.47 -2.76
CA ASP A 211 -3.13 -23.38 -3.36
C ASP A 211 -2.54 -24.81 -3.40
N ARG A 212 -1.26 -24.94 -3.78
CA ARG A 212 -0.60 -26.25 -3.93
C ARG A 212 -0.39 -26.88 -2.55
N PHE A 213 0.10 -26.10 -1.57
CA PHE A 213 0.33 -26.53 -0.16
C PHE A 213 -0.98 -27.06 0.46
N ASN A 214 -2.04 -26.24 0.33
CA ASN A 214 -3.36 -26.41 0.98
C ASN A 214 -3.99 -27.71 0.47
N HIS A 215 -3.93 -27.96 -0.84
CA HIS A 215 -4.47 -29.20 -1.46
C HIS A 215 -3.65 -30.37 -0.89
N SER A 216 -2.31 -30.28 -0.93
CA SER A 216 -1.37 -31.30 -0.39
C SER A 216 -1.73 -31.63 1.05
N VAL A 217 -1.94 -30.58 1.85
CA VAL A 217 -2.24 -30.69 3.32
C VAL A 217 -3.50 -31.52 3.45
N GLU A 218 -4.55 -31.11 2.74
CA GLU A 218 -5.86 -31.80 2.77
C GLU A 218 -5.63 -33.24 2.27
N ASP A 219 -4.93 -33.41 1.15
CA ASP A 219 -4.57 -34.76 0.62
C ASP A 219 -3.99 -35.60 1.77
N LEU A 220 -2.89 -35.14 2.36
CA LEU A 220 -2.14 -35.87 3.41
C LEU A 220 -3.11 -36.36 4.50
N LEU A 221 -3.80 -35.42 5.17
CA LEU A 221 -4.57 -35.65 6.44
C LEU A 221 -5.73 -36.64 6.21
N GLN A 222 -6.50 -36.51 5.13
CA GLN A 222 -7.68 -37.38 4.85
C GLN A 222 -7.23 -38.85 4.74
N GLU A 223 -6.05 -39.10 4.14
CA GLU A 223 -5.49 -40.47 3.90
C GLU A 223 -5.08 -41.09 5.25
N GLU A 226 -2.49 -45.24 6.21
CA GLU A 226 -2.25 -45.15 4.75
C GLU A 226 -2.07 -43.67 4.37
N ALA A 227 -0.90 -43.31 3.82
CA ALA A 227 -0.56 -41.98 3.27
C ALA A 227 0.64 -42.09 2.30
N ASP A 228 0.45 -41.70 1.04
CA ASP A 228 1.37 -41.94 -0.11
C ASP A 228 2.74 -41.29 0.16
N ASP A 229 3.82 -41.80 -0.46
CA ASP A 229 5.17 -41.16 -0.54
C ASP A 229 5.07 -39.81 -1.25
N ASP A 230 4.07 -39.68 -2.13
CA ASP A 230 3.80 -38.46 -2.93
C ASP A 230 3.17 -37.41 -2.03
N ASP A 231 2.10 -37.82 -1.33
CA ASP A 231 1.34 -36.96 -0.37
C ASP A 231 2.38 -36.22 0.48
N ILE A 232 3.31 -36.97 1.08
CA ILE A 232 4.41 -36.45 1.95
C ILE A 232 5.36 -35.58 1.10
N TYR A 233 5.74 -36.02 -0.11
CA TYR A 233 6.60 -35.21 -1.03
C TYR A 233 6.00 -33.80 -1.16
N ASN A 234 4.69 -33.74 -1.47
CA ASN A 234 3.95 -32.53 -1.93
C ASN A 234 3.79 -31.53 -0.79
N VAL A 235 3.48 -32.04 0.41
CA VAL A 235 3.26 -31.22 1.64
C VAL A 235 4.58 -30.50 1.95
N LEU A 236 5.63 -31.27 2.14
CA LEU A 236 6.97 -30.74 2.50
C LEU A 236 7.51 -29.88 1.36
N SER A 237 7.35 -30.31 0.10
CA SER A 237 7.98 -29.61 -1.06
C SER A 237 7.56 -28.14 -1.01
N THR A 238 6.23 -27.90 -0.95
CA THR A 238 5.56 -26.56 -0.99
C THR A 238 5.84 -25.76 0.29
N LEU A 239 5.60 -26.39 1.44
CA LEU A 239 5.81 -25.76 2.77
C LEU A 239 7.18 -25.08 2.77
N LYS A 240 8.20 -25.80 2.30
CA LYS A 240 9.62 -25.34 2.33
C LYS A 240 9.71 -24.01 1.59
N ARG A 241 9.15 -23.95 0.38
CA ARG A 241 9.19 -22.74 -0.47
C ARG A 241 8.61 -21.55 0.32
N LEU A 242 7.55 -21.80 1.11
CA LEU A 242 6.77 -20.75 1.83
C LEU A 242 7.47 -20.35 3.13
N THR A 243 7.90 -21.33 3.91
CA THR A 243 8.72 -21.11 5.13
C THR A 243 9.92 -20.23 4.76
N SER A 244 10.66 -20.62 3.72
CA SER A 244 11.81 -19.84 3.20
C SER A 244 11.36 -18.38 3.12
N PHE A 245 10.35 -18.10 2.31
CA PHE A 245 9.90 -16.73 2.00
C PHE A 245 9.35 -16.03 3.25
N HIS A 246 8.65 -16.76 4.13
CA HIS A 246 7.84 -16.15 5.22
C HIS A 246 8.73 -15.39 6.23
N ASN A 247 10.04 -15.58 6.16
CA ASN A 247 11.03 -14.89 7.03
C ASN A 247 11.09 -13.40 6.65
N ALA A 248 11.21 -13.09 5.36
CA ALA A 248 11.41 -11.71 4.85
C ALA A 248 10.14 -11.20 4.13
N HIS A 249 9.10 -12.04 4.04
CA HIS A 249 7.84 -11.72 3.31
C HIS A 249 6.63 -11.94 4.24
N ASP A 250 5.73 -10.96 4.29
CA ASP A 250 4.64 -10.94 5.30
C ASP A 250 3.47 -11.75 4.74
N LEU A 251 3.52 -13.07 4.84
CA LEU A 251 2.52 -13.94 4.19
C LEU A 251 1.27 -14.10 5.08
N THR A 252 0.99 -13.17 6.00
CA THR A 252 -0.09 -13.32 7.01
C THR A 252 -1.47 -13.40 6.33
N LYS A 253 -1.65 -12.70 5.18
CA LYS A 253 -2.95 -12.60 4.45
C LYS A 253 -3.45 -14.02 4.09
N TRP A 254 -2.52 -14.94 3.79
CA TRP A 254 -2.78 -16.39 3.62
C TRP A 254 -2.68 -17.06 5.00
N ASP A 255 -3.76 -17.58 5.57
CA ASP A 255 -3.73 -18.12 6.96
C ASP A 255 -2.93 -19.44 6.95
N LEU A 256 -1.60 -19.35 6.87
CA LEU A 256 -0.71 -20.55 6.84
C LEU A 256 -0.63 -21.17 8.23
N PHE A 257 -0.56 -20.36 9.30
CA PHE A 257 -0.50 -20.85 10.69
C PHE A 257 -1.53 -21.97 10.90
N GLY A 258 -2.67 -21.88 10.23
CA GLY A 258 -3.80 -22.80 10.41
C GLY A 258 -3.42 -24.23 10.07
N ASN A 259 -2.92 -24.43 8.84
CA ASN A 259 -2.61 -25.78 8.28
C ASN A 259 -1.34 -26.31 8.96
N CYS A 260 -0.32 -25.49 9.15
CA CYS A 260 0.88 -25.88 9.94
C CYS A 260 0.39 -26.48 11.26
N TYR A 261 -0.41 -25.73 12.04
CA TYR A 261 -0.93 -26.12 13.37
C TYR A 261 -1.65 -27.49 13.30
N ARG A 262 -2.32 -27.82 12.18
CA ARG A 262 -3.01 -29.12 11.97
C ARG A 262 -1.98 -30.24 11.80
N LEU A 263 -1.02 -30.05 10.88
CA LEU A 263 0.08 -31.00 10.58
C LEU A 263 0.81 -31.37 11.88
N LEU A 264 1.19 -30.35 12.67
CA LEU A 264 1.87 -30.49 13.99
C LEU A 264 0.99 -31.30 14.95
N LYS A 265 -0.31 -30.95 15.03
CA LYS A 265 -1.33 -31.61 15.88
C LYS A 265 -1.53 -33.09 15.46
N THR A 266 -1.49 -33.40 14.16
CA THR A 266 -1.61 -34.78 13.61
C THR A 266 -0.36 -35.60 13.95
N GLY A 267 0.79 -34.94 14.07
CA GLY A 267 2.11 -35.54 14.33
C GLY A 267 2.31 -35.81 15.81
N ILE A 268 1.70 -34.99 16.66
CA ILE A 268 1.60 -35.29 18.12
C ILE A 268 0.60 -36.44 18.28
N GLU A 269 -0.68 -36.20 17.96
CA GLU A 269 -1.77 -37.22 18.08
C GLU A 269 -1.23 -38.59 17.65
N HIS A 270 -1.19 -38.88 16.34
CA HIS A 270 -1.00 -40.24 15.78
C HIS A 270 0.50 -40.55 15.69
N GLY A 271 1.37 -39.61 16.06
CA GLY A 271 2.82 -39.83 16.27
C GLY A 271 3.58 -40.10 14.98
N ALA A 272 2.97 -39.94 13.80
CA ALA A 272 3.47 -40.50 12.52
C ALA A 272 3.60 -39.41 11.45
N MET A 273 4.11 -38.23 11.81
CA MET A 273 4.37 -37.11 10.86
C MET A 273 5.87 -37.02 10.60
N PRO A 274 6.32 -37.11 9.32
CA PRO A 274 7.74 -37.03 9.00
C PRO A 274 8.46 -35.81 9.59
N GLU A 275 9.70 -36.06 10.05
CA GLU A 275 10.52 -35.12 10.88
C GLU A 275 10.72 -33.78 10.16
N GLN A 276 10.91 -33.74 8.84
CA GLN A 276 11.20 -32.44 8.17
C GLN A 276 9.89 -31.66 8.03
N ILE A 277 8.76 -32.33 7.78
CA ILE A 277 7.43 -31.64 7.72
C ILE A 277 7.26 -30.87 9.04
N VAL A 278 7.46 -31.54 10.17
CA VAL A 278 7.25 -30.97 11.53
C VAL A 278 8.18 -29.77 11.72
N VAL A 279 9.48 -29.94 11.47
CA VAL A 279 10.50 -28.88 11.71
C VAL A 279 10.05 -27.64 10.96
N GLN A 280 9.67 -27.78 9.69
CA GLN A 280 9.27 -26.67 8.80
C GLN A 280 7.96 -26.05 9.29
N ALA A 281 6.93 -26.90 9.43
CA ALA A 281 5.62 -26.58 10.02
C ALA A 281 5.81 -25.65 11.22
N LEU A 282 6.74 -25.98 12.12
CA LEU A 282 7.18 -25.10 13.23
C LEU A 282 7.75 -23.79 12.65
N GLN A 283 8.96 -23.80 12.09
CA GLN A 283 9.69 -22.58 11.64
C GLN A 283 8.73 -21.63 10.93
N CYS A 284 7.76 -22.16 10.16
CA CYS A 284 6.71 -21.38 9.45
C CYS A 284 5.80 -20.66 10.46
N SER A 285 5.01 -21.42 11.24
CA SER A 285 4.21 -20.93 12.40
C SER A 285 4.92 -19.74 13.09
N HIS A 286 6.20 -19.93 13.44
CA HIS A 286 7.01 -18.97 14.23
C HIS A 286 7.16 -17.66 13.44
N TYR A 287 7.40 -17.76 12.13
CA TYR A 287 7.51 -16.56 11.26
C TYR A 287 6.15 -15.86 11.16
N SER A 288 5.06 -16.65 11.07
CA SER A 288 3.65 -16.17 11.05
C SER A 288 3.40 -15.32 12.29
N ILE A 289 3.86 -15.81 13.45
CA ILE A 289 3.63 -15.21 14.78
C ILE A 289 4.41 -13.89 14.90
N LEU A 290 5.69 -13.88 14.54
CA LEU A 290 6.54 -12.65 14.53
C LEU A 290 5.88 -11.55 13.68
N TRP A 291 5.25 -11.95 12.57
CA TRP A 291 4.68 -10.98 11.61
C TRP A 291 3.37 -10.46 12.22
N GLN A 292 2.59 -11.34 12.85
CA GLN A 292 1.33 -10.95 13.54
C GLN A 292 1.66 -9.92 14.63
N LEU A 293 2.79 -10.10 15.30
CA LEU A 293 3.24 -9.25 16.44
C LEU A 293 3.55 -7.85 15.92
N VAL A 294 4.30 -7.75 14.83
CA VAL A 294 4.76 -6.44 14.26
C VAL A 294 3.53 -5.59 13.92
N LYS A 295 2.50 -6.19 13.30
CA LYS A 295 1.28 -5.48 12.85
C LYS A 295 0.59 -4.89 14.08
N ILE A 296 0.69 -5.59 15.21
CA ILE A 296 0.06 -5.20 16.50
C ILE A 296 0.94 -4.18 17.23
N THR A 297 2.28 -4.29 17.17
CA THR A 297 3.22 -3.31 17.78
C THR A 297 3.03 -1.93 17.17
N ASP A 298 3.09 -1.86 15.83
CA ASP A 298 3.13 -0.62 15.00
C ASP A 298 1.72 -0.03 14.85
N GLY A 299 0.70 -0.89 14.73
CA GLY A 299 -0.71 -0.46 14.82
C GLY A 299 -1.02 0.15 16.19
N SER A 300 -2.23 0.67 16.35
CA SER A 300 -2.85 1.00 17.66
C SER A 300 -3.94 -0.03 17.95
N PRO A 301 -3.56 -1.22 18.49
CA PRO A 301 -4.43 -2.39 18.48
C PRO A 301 -5.44 -2.42 19.62
N SER A 302 -6.54 -3.14 19.42
CA SER A 302 -7.68 -3.22 20.37
C SER A 302 -7.41 -4.31 21.40
N LYS A 303 -8.36 -4.53 22.30
CA LYS A 303 -8.30 -5.55 23.36
C LYS A 303 -8.40 -6.95 22.74
N GLU A 304 -9.41 -7.17 21.88
CA GLU A 304 -9.70 -8.49 21.23
C GLU A 304 -8.51 -8.90 20.35
N ASP A 305 -7.91 -7.92 19.67
CA ASP A 305 -6.69 -8.08 18.81
C ASP A 305 -5.60 -8.80 19.60
N LEU A 306 -5.17 -8.18 20.71
CA LEU A 306 -4.17 -8.74 21.65
C LEU A 306 -4.60 -10.14 22.05
N LEU A 307 -5.86 -10.30 22.49
CA LEU A 307 -6.39 -11.57 23.06
C LEU A 307 -6.47 -12.66 21.99
N VAL A 308 -6.59 -12.31 20.71
CA VAL A 308 -6.65 -13.32 19.61
C VAL A 308 -5.24 -13.84 19.36
N LEU A 309 -4.26 -12.93 19.21
CA LEU A 309 -2.83 -13.31 19.03
C LEU A 309 -2.38 -14.12 20.24
N ARG A 310 -2.75 -13.69 21.46
CA ARG A 310 -2.40 -14.40 22.71
C ARG A 310 -2.82 -15.87 22.57
N LYS A 311 -4.09 -16.14 22.24
CA LYS A 311 -4.64 -17.52 22.18
C LYS A 311 -3.83 -18.35 21.19
N THR A 312 -3.41 -17.73 20.08
CA THR A 312 -2.57 -18.34 19.01
C THR A 312 -1.21 -18.70 19.60
N VAL A 313 -0.58 -17.75 20.30
CA VAL A 313 0.79 -17.92 20.88
C VAL A 313 0.74 -19.03 21.93
N LYS A 314 -0.27 -19.02 22.82
CA LYS A 314 -0.37 -20.01 23.93
C LYS A 314 -0.60 -21.40 23.31
N SER A 315 -1.41 -21.49 22.25
CA SER A 315 -1.66 -22.78 21.55
C SER A 315 -0.36 -23.27 20.90
N PHE A 316 0.48 -22.37 20.37
CA PHE A 316 1.74 -22.71 19.68
C PHE A 316 2.84 -23.07 20.71
N LEU A 317 2.94 -22.34 21.81
CA LEU A 317 3.93 -22.60 22.90
C LEU A 317 3.75 -24.01 23.42
N ALA A 318 2.50 -24.49 23.45
CA ALA A 318 2.10 -25.86 23.89
C ALA A 318 2.57 -26.89 22.86
N VAL A 319 2.43 -26.58 21.56
CA VAL A 319 2.86 -27.46 20.44
C VAL A 319 4.38 -27.63 20.54
N CYS A 320 5.12 -26.51 20.56
CA CYS A 320 6.60 -26.46 20.68
C CYS A 320 7.01 -27.29 21.91
N GLN A 321 6.42 -27.02 23.08
CA GLN A 321 6.68 -27.80 24.31
C GLN A 321 6.48 -29.27 23.97
N GLN A 322 5.30 -29.64 23.44
CA GLN A 322 4.92 -31.06 23.23
C GLN A 322 5.98 -31.71 22.33
N CYS A 323 6.44 -30.96 21.31
CA CYS A 323 7.38 -31.40 20.24
C CYS A 323 8.78 -31.66 20.81
N LEU A 324 9.09 -31.19 22.02
CA LEU A 324 10.31 -31.62 22.76
C LEU A 324 10.30 -33.15 22.89
N SER A 325 9.13 -33.76 23.06
CA SER A 325 9.01 -35.23 23.24
C SER A 325 9.17 -35.98 21.92
N ASN A 326 9.18 -35.32 20.76
CA ASN A 326 9.20 -35.99 19.43
C ASN A 326 10.47 -36.85 19.32
N VAL A 327 10.38 -38.05 18.73
CA VAL A 327 11.52 -39.02 18.62
C VAL A 327 12.70 -38.32 17.93
N ASN A 328 12.43 -37.56 16.86
CA ASN A 328 13.48 -37.04 15.96
C ASN A 328 14.15 -35.85 16.66
N THR A 329 15.48 -35.88 16.85
CA THR A 329 16.21 -34.82 17.61
C THR A 329 16.26 -33.52 16.80
N PRO A 330 16.24 -33.53 15.46
CA PRO A 330 16.12 -32.28 14.69
C PRO A 330 14.91 -31.45 15.09
N VAL A 331 13.78 -32.12 15.37
CA VAL A 331 12.49 -31.55 15.87
C VAL A 331 12.75 -30.86 17.21
N LYS A 332 13.25 -31.64 18.18
CA LYS A 332 13.54 -31.21 19.57
C LYS A 332 14.37 -29.93 19.55
N GLU A 333 15.43 -29.93 18.75
CA GLU A 333 16.34 -28.78 18.56
C GLU A 333 15.52 -27.59 18.08
N GLN A 334 14.69 -27.76 17.05
CA GLN A 334 13.83 -26.66 16.53
C GLN A 334 12.85 -26.24 17.64
N ALA A 335 11.96 -27.15 18.03
CA ALA A 335 11.08 -26.98 19.21
C ALA A 335 11.78 -26.08 20.22
N PHE A 336 12.91 -26.55 20.78
CA PHE A 336 13.67 -25.83 21.83
C PHE A 336 13.98 -24.41 21.34
N MET A 337 14.60 -24.31 20.15
CA MET A 337 15.14 -23.03 19.63
C MET A 337 14.03 -22.00 19.60
N LEU A 338 12.82 -22.40 19.20
CA LEU A 338 11.64 -21.51 19.15
C LEU A 338 11.20 -21.18 20.57
N LEU A 339 11.20 -22.17 21.48
CA LEU A 339 10.78 -21.98 22.89
C LEU A 339 11.66 -20.87 23.49
N CYS A 340 12.96 -20.90 23.22
CA CYS A 340 13.98 -20.02 23.85
C CYS A 340 13.91 -18.63 23.21
N ASP A 341 13.48 -18.56 21.95
CA ASP A 341 13.13 -17.29 21.23
C ASP A 341 11.82 -16.72 21.79
N LEU A 342 10.72 -17.47 21.64
CA LEU A 342 9.33 -17.02 21.97
C LEU A 342 9.29 -16.54 23.42
N LEU A 343 9.83 -17.31 24.36
CA LEU A 343 9.79 -16.97 25.80
C LEU A 343 10.60 -15.70 26.07
N MET A 344 11.56 -15.37 25.20
CA MET A 344 12.35 -14.12 25.32
C MET A 344 11.60 -12.93 24.70
N ILE A 345 10.81 -13.16 23.63
CA ILE A 345 10.08 -12.09 22.88
C ILE A 345 8.84 -11.67 23.67
N PHE A 346 7.99 -12.64 24.05
CA PHE A 346 6.76 -12.48 24.87
C PHE A 346 7.11 -12.55 26.38
N SER A 347 8.28 -12.01 26.73
CA SER A 347 8.71 -11.65 28.11
C SER A 347 8.21 -10.25 28.47
N HIS A 348 8.57 -9.77 29.65
CA HIS A 348 8.18 -8.42 30.16
C HIS A 348 8.94 -7.31 29.41
N GLN A 349 10.02 -7.66 28.70
CA GLN A 349 10.76 -6.73 27.80
C GLN A 349 9.76 -6.12 26.80
N LEU A 350 8.78 -6.93 26.35
CA LEU A 350 7.73 -6.53 25.38
C LEU A 350 7.03 -5.23 25.83
N MET A 351 7.09 -4.91 27.12
CA MET A 351 6.42 -3.71 27.70
C MET A 351 7.41 -2.55 27.85
N THR A 352 8.60 -2.65 27.23
CA THR A 352 9.60 -1.54 27.11
C THR A 352 9.04 -0.47 26.15
N GLY A 353 9.81 0.61 25.92
CA GLY A 353 9.41 1.76 25.08
C GLY A 353 7.93 2.06 25.22
N GLY A 354 7.50 2.52 26.39
CA GLY A 354 6.12 2.96 26.71
C GLY A 354 5.04 2.14 26.03
N ARG A 355 5.27 0.84 25.76
CA ARG A 355 4.30 -0.06 25.08
C ARG A 355 3.59 -0.93 26.13
N GLU A 356 3.16 -0.34 27.25
CA GLU A 356 2.55 -1.07 28.41
C GLU A 356 1.18 -1.66 28.03
N GLY A 357 0.62 -1.27 26.87
CA GLY A 357 -0.68 -1.78 26.36
C GLY A 357 -0.64 -3.27 26.11
N LEU A 358 0.57 -3.81 25.90
CA LEU A 358 0.83 -5.20 25.43
C LEU A 358 0.90 -6.19 26.61
N GLN A 359 0.60 -5.76 27.84
CA GLN A 359 0.62 -6.65 29.03
C GLN A 359 -0.02 -7.99 28.67
N PRO A 360 -1.22 -8.04 28.06
CA PRO A 360 -1.94 -9.31 27.92
C PRO A 360 -1.18 -10.37 27.11
N LEU A 361 -0.19 -9.96 26.31
CA LEU A 361 0.60 -10.84 25.41
C LEU A 361 1.70 -11.55 26.19
N VAL A 362 2.15 -11.01 27.34
CA VAL A 362 3.36 -11.49 28.08
C VAL A 362 3.07 -12.92 28.59
N PHE A 363 4.09 -13.78 28.59
CA PHE A 363 4.02 -15.21 28.97
C PHE A 363 5.12 -15.57 29.99
N ASN A 364 4.73 -16.24 31.08
CA ASN A 364 5.66 -16.84 32.06
C ASN A 364 5.55 -18.35 31.94
N PRO A 365 6.67 -19.04 31.65
CA PRO A 365 6.67 -20.49 31.45
C PRO A 365 6.57 -21.26 32.76
N ASP A 366 5.71 -22.28 32.83
CA ASP A 366 5.39 -22.99 34.10
C ASP A 366 6.59 -23.87 34.51
N THR A 367 6.48 -24.51 35.68
CA THR A 367 7.49 -25.45 36.25
C THR A 367 7.70 -26.60 35.27
N GLY A 368 6.61 -27.30 34.94
CA GLY A 368 6.56 -28.44 34.01
C GLY A 368 7.34 -28.19 32.74
N LEU A 369 7.15 -27.02 32.12
CA LEU A 369 7.88 -26.56 30.90
C LEU A 369 9.35 -26.26 31.26
N GLN A 370 9.60 -25.54 32.35
CA GLN A 370 10.98 -25.17 32.77
C GLN A 370 11.81 -26.42 33.00
N SER A 371 11.20 -27.48 33.57
CA SER A 371 11.84 -28.79 33.87
C SER A 371 12.15 -29.54 32.57
N GLU A 372 11.47 -29.21 31.47
CA GLU A 372 11.74 -29.79 30.13
C GLU A 372 12.81 -28.94 29.41
N LEU A 373 12.86 -27.63 29.67
CA LEU A 373 13.86 -26.71 29.09
C LEU A 373 15.21 -26.96 29.74
N LEU A 374 15.24 -27.56 30.93
CA LEU A 374 16.47 -28.11 31.56
C LEU A 374 16.76 -29.47 30.90
N SER A 375 15.81 -30.42 30.98
CA SER A 375 15.85 -31.78 30.37
C SER A 375 16.70 -31.74 29.08
N PHE A 376 16.20 -31.05 28.05
CA PHE A 376 16.79 -30.97 26.69
C PHE A 376 18.26 -30.51 26.76
N VAL A 377 18.60 -29.52 27.60
CA VAL A 377 20.01 -29.05 27.72
C VAL A 377 20.87 -30.27 28.11
N MET A 378 20.52 -30.92 29.22
CA MET A 378 21.28 -32.06 29.80
C MET A 378 21.40 -33.21 28.79
N ASP A 379 20.46 -33.28 27.85
CA ASP A 379 20.28 -34.43 26.93
C ASP A 379 20.88 -34.13 25.55
N HIS A 380 20.94 -32.86 25.13
CA HIS A 380 21.15 -32.50 23.70
C HIS A 380 22.17 -31.37 23.52
N VAL A 381 22.54 -30.65 24.57
CA VAL A 381 23.75 -29.76 24.56
C VAL A 381 24.91 -30.63 25.06
N PHE A 382 24.78 -31.16 26.28
CA PHE A 382 25.84 -31.86 27.05
C PHE A 382 25.76 -33.39 26.81
N ILE A 383 26.34 -33.81 25.68
CA ILE A 383 26.35 -35.21 25.19
C ILE A 383 27.79 -35.73 25.23
N ASP A 384 27.96 -37.06 25.31
CA ASP A 384 29.27 -37.76 25.51
C ASP A 384 30.06 -37.75 24.19
N GLN A 385 29.51 -38.39 23.15
CA GLN A 385 30.11 -38.50 21.80
C GLN A 385 29.03 -38.93 20.80
N GLU A 399 34.05 -35.38 9.84
CA GLU A 399 34.82 -34.35 10.57
C GLU A 399 34.15 -32.98 10.45
N ALA A 400 34.03 -32.48 9.22
CA ALA A 400 33.48 -31.13 8.89
C ALA A 400 32.14 -30.95 9.62
N ASN A 401 31.30 -32.02 9.66
CA ASN A 401 29.94 -32.05 10.26
C ASN A 401 29.95 -31.69 11.76
N LYS A 402 31.04 -31.98 12.47
CA LYS A 402 31.06 -31.96 13.97
C LYS A 402 31.42 -30.55 14.46
N ILE A 403 32.32 -29.81 13.80
CA ILE A 403 32.62 -28.39 14.18
C ILE A 403 31.34 -27.56 14.01
N GLU A 404 30.48 -27.95 13.06
CA GLU A 404 29.17 -27.31 12.74
C GLU A 404 28.13 -27.73 13.79
N ALA A 405 28.01 -29.02 14.06
CA ALA A 405 27.10 -29.57 15.10
C ALA A 405 27.37 -28.91 16.45
N LEU A 406 28.64 -28.60 16.77
CA LEU A 406 29.07 -27.93 18.04
C LEU A 406 28.51 -26.50 18.12
N HIS A 407 28.82 -25.64 17.15
CA HIS A 407 28.37 -24.22 17.13
C HIS A 407 26.84 -24.18 17.29
N LYS A 408 26.15 -25.25 16.89
CA LYS A 408 24.66 -25.39 16.99
C LYS A 408 24.26 -25.52 18.47
N ARG A 409 24.76 -26.57 19.13
CA ARG A 409 24.58 -26.80 20.59
C ARG A 409 25.01 -25.53 21.34
N ARG A 410 26.14 -24.93 20.93
CA ARG A 410 26.59 -23.63 21.47
C ARG A 410 25.41 -22.66 21.41
N ASN A 411 24.80 -22.50 20.23
CA ASN A 411 23.68 -21.54 20.02
C ASN A 411 22.49 -21.97 20.88
N LEU A 412 22.08 -23.24 20.79
CA LEU A 412 21.00 -23.83 21.65
C LEU A 412 21.22 -23.43 23.12
N LEU A 413 22.47 -23.44 23.60
CA LEU A 413 22.75 -23.10 25.02
C LEU A 413 22.68 -21.57 25.17
N ALA A 414 23.29 -20.81 24.25
CA ALA A 414 23.40 -19.34 24.35
C ALA A 414 21.99 -18.73 24.36
N ALA A 415 21.05 -19.39 23.66
CA ALA A 415 19.64 -18.98 23.54
C ALA A 415 18.86 -19.43 24.78
N PHE A 416 19.32 -20.48 25.47
CA PHE A 416 18.81 -20.87 26.82
C PHE A 416 19.43 -19.95 27.86
N SER A 417 20.69 -19.54 27.64
CA SER A 417 21.48 -18.69 28.58
C SER A 417 20.73 -17.37 28.81
N LYS A 418 20.13 -16.83 27.75
CA LYS A 418 19.36 -15.56 27.80
C LYS A 418 18.18 -15.74 28.77
N LEU A 419 17.53 -16.91 28.79
CA LEU A 419 16.38 -17.18 29.69
C LEU A 419 16.83 -17.26 31.15
N ILE A 420 18.09 -17.64 31.37
CA ILE A 420 18.64 -17.80 32.75
C ILE A 420 18.87 -16.40 33.32
N ILE A 421 19.57 -15.52 32.59
CA ILE A 421 19.96 -14.15 33.09
C ILE A 421 18.73 -13.36 33.57
N TYR A 422 17.55 -13.51 32.94
CA TYR A 422 16.35 -12.70 33.22
C TYR A 422 15.29 -13.53 33.98
N ASP A 423 15.76 -14.59 34.64
CA ASP A 423 15.00 -15.44 35.60
C ASP A 423 13.65 -15.82 34.98
N ILE A 424 13.66 -16.22 33.70
CA ILE A 424 12.45 -16.76 33.00
C ILE A 424 12.42 -18.28 33.22
N VAL A 425 13.58 -18.92 33.38
CA VAL A 425 13.71 -20.28 34.01
C VAL A 425 14.36 -20.10 35.38
N ASP A 426 14.13 -21.05 36.28
CA ASP A 426 14.84 -21.19 37.58
C ASP A 426 16.34 -21.06 37.32
N MET A 427 16.98 -19.96 37.76
CA MET A 427 18.43 -19.71 37.48
C MET A 427 19.30 -20.66 38.32
N HIS A 428 18.81 -21.11 39.48
CA HIS A 428 19.57 -21.95 40.44
C HIS A 428 19.67 -23.39 39.91
N ALA A 429 18.56 -24.01 39.48
CA ALA A 429 18.53 -25.36 38.88
C ALA A 429 19.44 -25.42 37.64
N ALA A 430 19.57 -24.31 36.91
CA ALA A 430 20.40 -24.21 35.70
C ALA A 430 21.88 -24.28 36.09
N ALA A 431 22.32 -23.43 37.02
CA ALA A 431 23.73 -23.30 37.50
C ALA A 431 24.18 -24.60 38.20
N ASP A 432 23.23 -25.34 38.78
CA ASP A 432 23.45 -26.69 39.39
C ASP A 432 23.89 -27.69 38.30
N ILE A 433 23.24 -27.62 37.13
CA ILE A 433 23.65 -28.43 35.95
C ILE A 433 25.03 -27.94 35.49
N PHE A 434 25.24 -26.62 35.46
CA PHE A 434 26.52 -25.99 35.01
C PHE A 434 27.64 -26.34 35.99
N LYS A 435 27.31 -26.55 37.27
CA LYS A 435 28.23 -27.16 38.27
C LYS A 435 28.55 -28.60 37.82
N HIS A 436 27.54 -29.47 37.76
CA HIS A 436 27.64 -30.95 37.51
C HIS A 436 28.56 -31.26 36.32
N TYR A 437 28.56 -30.42 35.28
CA TYR A 437 29.27 -30.66 33.98
C TYR A 437 30.67 -29.99 34.02
N MET A 438 30.85 -28.89 34.75
CA MET A 438 32.15 -28.18 34.89
C MET A 438 32.97 -28.76 36.06
N LYS A 439 32.53 -29.89 36.61
CA LYS A 439 33.14 -30.54 37.81
C LYS A 439 34.64 -30.72 37.56
N TYR A 440 35.00 -31.46 36.51
CA TYR A 440 36.39 -31.87 36.19
C TYR A 440 37.28 -30.64 35.95
N TYR A 441 36.72 -29.44 35.73
CA TYR A 441 37.51 -28.19 35.63
C TYR A 441 37.74 -27.61 37.02
N ASN A 442 36.74 -27.67 37.89
CA ASN A 442 36.87 -27.25 39.32
C ASN A 442 37.76 -28.26 40.07
N ASP A 443 37.72 -29.54 39.67
CA ASP A 443 38.24 -30.69 40.45
C ASP A 443 39.68 -31.03 40.04
N TYR A 444 40.15 -30.68 38.83
CA TYR A 444 41.46 -31.13 38.29
C TYR A 444 42.12 -30.09 37.37
N GLY A 445 41.57 -28.87 37.24
CA GLY A 445 41.90 -27.95 36.13
C GLY A 445 43.30 -27.39 36.27
N ASP A 446 43.57 -26.75 37.41
CA ASP A 446 44.89 -26.16 37.78
C ASP A 446 45.98 -27.15 37.37
N ILE A 447 45.84 -28.41 37.80
CA ILE A 447 46.85 -29.50 37.64
C ILE A 447 47.12 -29.73 36.14
N ILE A 448 46.07 -29.71 35.32
CA ILE A 448 46.15 -29.96 33.85
C ILE A 448 46.75 -28.74 33.15
N LYS A 449 46.52 -27.54 33.70
CA LYS A 449 47.02 -26.24 33.15
C LYS A 449 48.55 -26.22 33.24
N GLU A 450 49.10 -26.28 34.47
CA GLU A 450 50.54 -26.12 34.77
C GLU A 450 51.33 -27.27 34.12
N THR A 451 50.71 -28.44 33.94
CA THR A 451 51.33 -29.62 33.27
C THR A 451 51.61 -29.29 31.79
N LEU A 452 50.58 -28.85 31.06
CA LEU A 452 50.62 -28.66 29.59
C LEU A 452 51.47 -27.43 29.25
N SER A 453 51.62 -26.50 30.19
CA SER A 453 52.50 -25.30 30.06
C SER A 453 53.97 -25.74 29.94
N LYS A 454 54.39 -26.76 30.70
CA LYS A 454 55.81 -27.25 30.72
C LYS A 454 56.00 -28.36 29.67
N THR A 455 55.37 -28.24 28.50
CA THR A 455 55.63 -29.07 27.29
C THR A 455 55.33 -28.25 26.04
N PRO B 4 -1.77 14.04 29.60
CA PRO B 4 -1.81 15.23 30.50
C PRO B 4 -3.12 16.04 30.38
N ASN B 5 -3.48 16.39 29.14
CA ASN B 5 -4.59 17.28 28.76
C ASN B 5 -5.88 16.48 28.52
N GLY B 6 -5.88 15.17 28.78
CA GLY B 6 -6.95 14.24 28.41
C GLY B 6 -8.31 14.64 28.97
N ASN B 7 -8.33 15.27 30.15
CA ASN B 7 -9.58 15.75 30.80
C ASN B 7 -10.04 17.02 30.07
N LEU B 8 -9.19 18.06 30.07
CA LEU B 8 -9.49 19.44 29.58
C LEU B 8 -10.20 19.39 28.22
N ILE B 9 -9.87 18.41 27.38
CA ILE B 9 -10.47 18.22 26.03
C ILE B 9 -11.83 17.52 26.17
N ARG B 10 -11.93 16.43 26.94
CA ARG B 10 -13.20 15.67 27.04
C ARG B 10 -14.27 16.59 27.61
N MET B 11 -13.86 17.65 28.33
CA MET B 11 -14.77 18.71 28.87
C MET B 11 -15.03 19.78 27.79
N LEU B 12 -14.01 20.18 27.02
CA LEU B 12 -14.22 21.09 25.86
C LEU B 12 -15.38 20.53 25.03
N VAL B 13 -15.27 19.26 24.63
CA VAL B 13 -16.30 18.50 23.87
C VAL B 13 -17.67 18.70 24.52
N LEU B 14 -17.76 18.58 25.85
CA LEU B 14 -19.03 18.77 26.60
C LEU B 14 -19.48 20.22 26.50
N PHE B 15 -18.65 21.14 27.01
CA PHE B 15 -18.93 22.60 27.02
C PHE B 15 -19.41 23.03 25.64
N PHE B 16 -19.02 22.29 24.58
CA PHE B 16 -19.35 22.61 23.16
C PHE B 16 -20.80 22.20 22.83
N LEU B 17 -21.20 20.94 22.96
CA LEU B 17 -22.50 20.51 22.36
C LEU B 17 -23.64 20.45 23.40
N GLU B 18 -23.41 20.81 24.66
CA GLU B 18 -24.49 21.10 25.63
C GLU B 18 -24.70 22.62 25.72
N SER B 19 -23.82 23.42 25.10
CA SER B 19 -24.14 24.84 24.75
C SER B 19 -25.24 24.83 23.69
N GLU B 20 -25.49 23.67 23.07
CA GLU B 20 -26.58 23.44 22.08
C GLU B 20 -26.43 24.43 20.91
N LEU B 21 -25.19 24.82 20.58
CA LEU B 21 -24.82 25.65 19.40
C LEU B 21 -23.88 24.83 18.51
N HIS B 22 -24.38 23.73 17.92
CA HIS B 22 -23.61 22.74 17.12
C HIS B 22 -23.05 23.36 15.84
N GLU B 23 -23.53 24.55 15.46
CA GLU B 23 -23.11 25.28 14.24
C GLU B 23 -22.05 26.34 14.60
N HIS B 24 -21.36 26.21 15.73
CA HIS B 24 -20.41 27.24 16.25
C HIS B 24 -18.99 26.69 16.39
N ALA B 25 -18.69 25.51 15.81
CA ALA B 25 -17.44 24.75 16.07
C ALA B 25 -16.23 25.68 15.95
N ALA B 26 -15.99 26.25 14.76
CA ALA B 26 -14.82 27.11 14.50
C ALA B 26 -14.90 28.36 15.37
N TYR B 27 -16.11 28.86 15.64
CA TYR B 27 -16.38 30.10 16.41
C TYR B 27 -15.86 29.91 17.83
N LEU B 28 -16.15 28.74 18.41
CA LEU B 28 -15.61 28.32 19.74
C LEU B 28 -14.08 28.40 19.67
N VAL B 29 -13.48 27.60 18.78
CA VAL B 29 -12.01 27.44 18.65
C VAL B 29 -11.34 28.81 18.53
N ASP B 30 -11.90 29.73 17.72
CA ASP B 30 -11.27 31.05 17.45
C ASP B 30 -11.30 31.91 18.73
N SER B 31 -12.43 31.94 19.44
CA SER B 31 -12.62 32.81 20.62
C SER B 31 -11.77 32.30 21.80
N LEU B 32 -11.25 31.07 21.72
CA LEU B 32 -10.40 30.42 22.75
C LEU B 32 -8.91 30.52 22.39
N TRP B 33 -8.61 30.90 21.15
CA TRP B 33 -7.26 30.78 20.50
C TRP B 33 -6.22 31.65 21.21
N GLU B 34 -6.45 32.96 21.36
CA GLU B 34 -5.46 33.89 22.00
C GLU B 34 -4.89 33.26 23.27
N SER B 35 -5.74 32.64 24.11
CA SER B 35 -5.38 32.10 25.46
C SER B 35 -4.96 30.64 25.37
N SER B 36 -5.72 29.77 24.69
CA SER B 36 -5.63 28.30 24.87
C SER B 36 -5.14 27.54 23.61
N GLN B 37 -4.26 28.14 22.80
CA GLN B 37 -3.84 27.51 21.51
C GLN B 37 -2.90 26.33 21.79
N GLU B 38 -2.01 26.45 22.78
CA GLU B 38 -1.10 25.34 23.19
C GLU B 38 -1.96 24.09 23.54
N LEU B 39 -3.10 24.23 24.22
CA LEU B 39 -3.99 23.08 24.55
C LEU B 39 -4.63 22.56 23.26
N LEU B 40 -5.11 23.50 22.45
CA LEU B 40 -5.95 23.23 21.25
C LEU B 40 -5.12 22.59 20.14
N LYS B 41 -3.78 22.70 20.21
CA LYS B 41 -2.83 22.14 19.20
C LYS B 41 -2.30 20.76 19.63
N ASP B 42 -2.48 20.32 20.88
CA ASP B 42 -2.18 18.92 21.31
C ASP B 42 -3.09 17.98 20.49
N TRP B 43 -2.73 17.78 19.21
CA TRP B 43 -3.42 16.88 18.23
C TRP B 43 -3.24 15.41 18.68
N GLU B 44 -2.11 15.12 19.33
CA GLU B 44 -1.70 13.75 19.76
C GLU B 44 -2.72 13.22 20.77
N CYS B 45 -3.13 14.06 21.70
CA CYS B 45 -4.13 13.75 22.75
C CYS B 45 -5.45 13.33 22.07
N MET B 46 -5.92 14.12 21.11
CA MET B 46 -7.27 14.00 20.46
C MET B 46 -7.34 12.72 19.62
N THR B 47 -6.24 12.34 18.96
CA THR B 47 -6.09 11.06 18.22
C THR B 47 -6.21 9.90 19.22
N GLU B 48 -5.35 9.95 20.26
CA GLU B 48 -5.36 9.06 21.44
C GLU B 48 -6.80 8.90 21.94
N LEU B 49 -7.47 10.03 22.26
CA LEU B 49 -8.83 10.06 22.84
C LEU B 49 -9.81 9.28 21.95
N LEU B 50 -9.60 9.28 20.63
CA LEU B 50 -10.52 8.68 19.64
C LEU B 50 -10.14 7.22 19.38
N LEU B 51 -8.84 6.90 19.38
CA LEU B 51 -8.29 5.65 18.79
C LEU B 51 -8.38 4.46 19.77
N GLU B 52 -8.22 4.69 21.09
CA GLU B 52 -7.92 3.63 22.09
C GLU B 52 -9.09 3.42 23.07
N GLU B 53 -8.84 2.66 24.14
CA GLU B 53 -9.55 2.73 25.45
C GLU B 53 -8.48 2.78 26.55
N ALA B 60 -16.00 5.88 28.52
CA ALA B 60 -16.75 5.44 27.31
C ALA B 60 -17.43 6.64 26.61
N MET B 61 -16.70 7.37 25.75
CA MET B 61 -17.19 8.56 24.98
C MET B 61 -18.50 8.20 24.26
N SER B 62 -19.55 9.03 24.39
CA SER B 62 -20.83 8.83 23.66
C SER B 62 -20.59 9.03 22.16
N ASP B 63 -21.55 8.61 21.32
CA ASP B 63 -21.43 8.66 19.84
C ASP B 63 -21.27 10.12 19.46
N ARG B 64 -22.35 10.88 19.56
CA ARG B 64 -22.41 12.34 19.30
C ARG B 64 -21.17 13.07 19.84
N GLN B 65 -20.49 12.52 20.85
CA GLN B 65 -19.25 13.11 21.45
C GLN B 65 -18.05 12.84 20.52
N GLU B 66 -18.00 11.65 19.93
CA GLU B 66 -16.93 11.26 18.95
C GLU B 66 -17.03 12.20 17.75
N SER B 67 -18.17 12.19 17.06
CA SER B 67 -18.56 13.20 16.05
C SER B 67 -17.95 14.54 16.47
N ALA B 68 -18.32 15.06 17.63
CA ALA B 68 -18.06 16.46 18.05
C ALA B 68 -16.57 16.69 18.30
N LEU B 69 -15.82 15.66 18.72
CA LEU B 69 -14.34 15.80 18.91
C LEU B 69 -13.70 15.96 17.52
N ILE B 70 -13.84 14.93 16.68
CA ILE B 70 -13.52 14.95 15.22
C ILE B 70 -13.69 16.38 14.68
N GLU B 71 -14.88 16.97 14.81
CA GLU B 71 -15.21 18.30 14.23
C GLU B 71 -14.33 19.38 14.86
N LEU B 72 -14.05 19.28 16.15
CA LEU B 72 -13.30 20.33 16.90
C LEU B 72 -11.82 20.24 16.51
N MET B 73 -11.30 19.02 16.43
CA MET B 73 -9.92 18.70 15.94
C MET B 73 -9.72 19.44 14.61
N VAL B 74 -10.51 19.09 13.59
CA VAL B 74 -10.44 19.64 12.19
C VAL B 74 -10.42 21.17 12.22
N CYS B 75 -11.26 21.83 13.04
CA CYS B 75 -11.41 23.30 13.09
C CYS B 75 -10.14 23.92 13.71
N THR B 76 -9.37 23.12 14.46
CA THR B 76 -8.10 23.51 15.16
C THR B 76 -6.95 23.49 14.15
N ILE B 77 -6.76 22.31 13.54
CA ILE B 77 -5.92 22.11 12.32
C ILE B 77 -5.96 23.41 11.50
N ARG B 78 -7.12 23.73 10.92
CA ARG B 78 -7.32 24.96 10.10
C ARG B 78 -6.68 26.14 10.83
N GLN B 79 -7.22 26.55 11.99
CA GLN B 79 -6.84 27.82 12.65
C GLN B 79 -5.31 27.88 12.71
N ALA B 80 -4.68 26.73 12.99
CA ALA B 80 -3.20 26.57 13.05
C ALA B 80 -2.60 26.84 11.67
N ALA B 81 -3.03 26.07 10.66
CA ALA B 81 -2.57 26.13 9.25
C ALA B 81 -2.64 27.58 8.73
N GLU B 82 -3.85 28.11 8.54
CA GLU B 82 -4.12 29.39 7.83
C GLU B 82 -3.73 30.57 8.72
N ALA B 83 -3.69 30.38 10.06
CA ALA B 83 -3.27 31.38 11.07
C ALA B 83 -4.00 32.71 10.82
N HIS B 84 -5.33 32.63 10.63
CA HIS B 84 -6.28 33.77 10.65
C HIS B 84 -7.63 33.24 11.12
N PRO B 85 -8.52 34.10 11.68
CA PRO B 85 -9.88 33.69 12.05
C PRO B 85 -10.68 33.01 10.92
N PRO B 86 -11.70 32.19 11.24
CA PRO B 86 -12.49 31.50 10.20
C PRO B 86 -13.51 32.40 9.50
N VAL B 87 -14.20 31.86 8.49
CA VAL B 87 -15.20 32.59 7.65
C VAL B 87 -16.10 33.45 8.55
N GLY B 88 -15.88 34.77 8.54
CA GLY B 88 -16.78 35.80 9.08
C GLY B 88 -16.35 36.32 10.45
N ARG B 89 -15.07 36.69 10.62
CA ARG B 89 -14.53 37.22 11.91
C ARG B 89 -13.38 38.23 11.69
N GLY B 90 -12.90 38.45 10.46
CA GLY B 90 -11.66 39.21 10.17
C GLY B 90 -11.96 40.56 9.53
N VAL B 95 -1.96 41.01 9.28
CA VAL B 95 -0.57 41.58 9.27
C VAL B 95 0.27 40.83 10.32
N LEU B 96 0.99 39.77 9.90
CA LEU B 96 1.70 38.78 10.76
C LEU B 96 2.98 39.39 11.36
N THR B 97 3.30 39.07 12.61
CA THR B 97 4.39 39.68 13.42
C THR B 97 5.77 39.23 12.94
N ALA B 98 5.87 38.07 12.26
CA ALA B 98 7.13 37.36 11.91
C ALA B 98 7.42 36.33 13.01
N LYS B 99 7.08 36.64 14.27
CA LYS B 99 7.01 35.64 15.38
C LYS B 99 5.76 34.78 15.15
N GLU B 100 4.65 35.40 14.78
CA GLU B 100 3.37 34.70 14.49
C GLU B 100 3.48 34.00 13.13
N ARG B 101 4.19 34.63 12.20
CA ARG B 101 4.57 34.05 10.88
C ARG B 101 5.49 32.84 11.12
N LYS B 102 6.32 32.90 12.18
CA LYS B 102 7.17 31.75 12.63
C LYS B 102 6.24 30.60 13.03
N THR B 103 5.59 30.69 14.20
CA THR B 103 4.80 29.60 14.86
C THR B 103 3.92 28.90 13.81
N GLN B 104 3.21 29.67 12.98
CA GLN B 104 2.36 29.17 11.85
C GLN B 104 3.11 28.11 11.04
N ILE B 105 4.35 28.43 10.65
CA ILE B 105 5.24 27.57 9.83
C ILE B 105 5.50 26.26 10.61
N ASP B 106 5.75 26.39 11.92
CA ASP B 106 6.10 25.29 12.86
C ASP B 106 4.93 24.32 12.98
N ASP B 107 3.71 24.88 13.12
CA ASP B 107 2.44 24.15 13.31
C ASP B 107 2.18 23.24 12.10
N ARG B 108 2.14 23.85 10.90
CA ARG B 108 1.84 23.15 9.62
C ARG B 108 2.64 21.84 9.59
N ASN B 109 3.93 21.93 9.90
CA ASN B 109 4.89 20.78 9.87
C ASN B 109 4.40 19.76 10.91
N LYS B 110 4.28 20.20 12.16
CA LYS B 110 3.84 19.39 13.32
C LYS B 110 2.58 18.60 12.94
N LEU B 111 1.54 19.29 12.47
CA LEU B 111 0.17 18.71 12.26
C LEU B 111 0.26 17.70 11.13
N THR B 112 1.04 18.03 10.09
CA THR B 112 1.31 17.19 8.91
C THR B 112 1.88 15.87 9.40
N GLU B 113 2.96 15.99 10.20
CA GLU B 113 3.81 14.88 10.68
C GLU B 113 2.91 13.91 11.44
N HIS B 114 2.14 14.41 12.42
CA HIS B 114 1.24 13.55 13.24
C HIS B 114 0.22 12.87 12.32
N PHE B 115 -0.53 13.66 11.56
CA PHE B 115 -1.81 13.22 10.94
C PHE B 115 -1.56 12.27 9.79
N ILE B 116 -0.43 12.43 9.08
CA ILE B 116 -0.06 11.53 7.95
C ILE B 116 -0.15 10.08 8.48
N ILE B 117 0.33 9.86 9.71
CA ILE B 117 0.43 8.54 10.39
C ILE B 117 -0.95 8.11 10.91
N THR B 118 -1.64 9.04 11.57
CA THR B 118 -2.80 8.78 12.47
C THR B 118 -4.13 8.84 11.70
N LEU B 119 -4.21 9.69 10.65
CA LEU B 119 -5.44 9.90 9.81
C LEU B 119 -5.83 8.58 9.18
N PRO B 120 -4.93 7.86 8.49
CA PRO B 120 -5.27 6.55 7.91
C PRO B 120 -6.05 5.64 8.87
N MET B 121 -5.71 5.70 10.17
CA MET B 121 -6.29 4.85 11.24
C MET B 121 -7.67 5.42 11.62
N LEU B 122 -7.72 6.74 11.91
CA LEU B 122 -8.97 7.49 12.19
C LEU B 122 -10.07 7.06 11.20
N LEU B 123 -9.76 7.09 9.90
CA LEU B 123 -10.66 6.69 8.78
C LEU B 123 -11.01 5.21 8.90
N SER B 124 -10.03 4.40 9.32
CA SER B 124 -10.19 2.95 9.61
C SER B 124 -11.27 2.78 10.68
N LYS B 125 -11.19 3.54 11.78
CA LYS B 125 -11.99 3.35 13.02
C LYS B 125 -13.47 3.73 12.80
N TYR B 126 -13.77 4.76 11.99
CA TYR B 126 -15.14 5.33 11.86
C TYR B 126 -15.65 5.20 10.42
N SER B 127 -15.10 4.25 9.65
CA SER B 127 -15.29 4.14 8.18
C SER B 127 -16.78 4.09 7.81
N ALA B 128 -17.61 3.40 8.60
CA ALA B 128 -19.05 3.17 8.29
C ALA B 128 -19.89 4.43 8.56
N ASP B 129 -19.38 5.40 9.33
CA ASP B 129 -20.14 6.60 9.78
C ASP B 129 -19.95 7.72 8.76
N ALA B 130 -20.99 7.97 7.95
CA ALA B 130 -20.99 8.87 6.77
C ALA B 130 -20.30 10.19 7.11
N GLU B 131 -20.85 10.95 8.07
CA GLU B 131 -20.48 12.37 8.32
C GLU B 131 -19.17 12.46 9.11
N LYS B 132 -18.74 11.38 9.78
CA LYS B 132 -17.47 11.34 10.52
C LYS B 132 -16.33 11.28 9.50
N VAL B 133 -16.37 10.28 8.61
CA VAL B 133 -15.45 10.12 7.45
C VAL B 133 -15.32 11.49 6.80
N ALA B 134 -16.41 11.98 6.19
CA ALA B 134 -16.51 13.28 5.49
C ALA B 134 -15.64 14.31 6.22
N ASN B 135 -15.82 14.42 7.54
CA ASN B 135 -15.23 15.50 8.37
C ASN B 135 -13.72 15.26 8.51
N LEU B 136 -13.30 14.00 8.55
CA LEU B 136 -11.85 13.62 8.60
C LEU B 136 -11.16 14.02 7.29
N LEU B 137 -11.77 13.64 6.16
CA LEU B 137 -11.21 13.82 4.80
C LEU B 137 -10.95 15.31 4.53
N GLN B 138 -11.46 16.23 5.36
CA GLN B 138 -11.18 17.69 5.26
C GLN B 138 -9.78 18.02 5.78
N ILE B 139 -9.00 17.00 6.19
CA ILE B 139 -7.68 17.17 6.87
C ILE B 139 -6.55 17.38 5.85
N PRO B 140 -6.38 16.47 4.84
CA PRO B 140 -5.23 16.50 3.92
C PRO B 140 -4.91 17.82 3.18
N GLN B 141 -5.92 18.66 2.96
CA GLN B 141 -5.79 19.96 2.24
C GLN B 141 -4.90 20.94 3.01
N TYR B 142 -4.54 20.64 4.27
CA TYR B 142 -3.80 21.54 5.18
C TYR B 142 -2.32 21.12 5.28
N PHE B 143 -2.02 19.87 4.91
CA PHE B 143 -0.65 19.30 4.80
C PHE B 143 0.24 20.22 3.96
N ASP B 144 1.48 20.46 4.40
CA ASP B 144 2.63 20.71 3.50
C ASP B 144 3.02 19.34 2.91
N LEU B 145 2.59 19.05 1.68
CA LEU B 145 2.64 17.68 1.09
C LEU B 145 4.09 17.25 0.85
N GLU B 146 5.03 18.20 0.80
CA GLU B 146 6.50 17.95 0.77
C GLU B 146 6.85 16.84 1.77
N ILE B 147 6.44 17.02 3.03
CA ILE B 147 6.77 16.18 4.23
C ILE B 147 6.31 14.73 4.03
N TYR B 148 5.73 14.38 2.87
CA TYR B 148 5.46 12.97 2.46
C TYR B 148 6.75 12.45 1.84
N SER B 149 7.38 13.28 1.02
CA SER B 149 8.68 13.06 0.31
C SER B 149 9.85 13.37 1.27
N THR B 150 10.08 14.66 1.55
CA THR B 150 11.31 15.20 2.20
C THR B 150 11.34 14.82 3.69
N GLY B 151 10.48 13.88 4.11
CA GLY B 151 10.57 13.19 5.42
C GLY B 151 10.34 11.69 5.30
N ARG B 152 10.31 11.14 4.08
CA ARG B 152 10.12 9.69 3.79
C ARG B 152 9.03 9.10 4.71
N MET B 153 7.76 9.37 4.37
CA MET B 153 6.54 8.82 5.02
C MET B 153 5.66 8.16 3.95
N GLU B 154 6.30 7.48 2.99
CA GLU B 154 5.62 6.79 1.86
C GLU B 154 4.77 5.64 2.41
N LYS B 155 5.22 5.01 3.50
CA LYS B 155 4.48 3.94 4.21
C LYS B 155 3.01 4.37 4.37
N HIS B 156 2.79 5.62 4.79
CA HIS B 156 1.51 6.14 5.33
C HIS B 156 0.60 6.66 4.22
N LEU B 157 1.19 7.15 3.11
CA LEU B 157 0.43 7.58 1.90
C LEU B 157 -0.26 6.37 1.28
N ASP B 158 0.40 5.20 1.27
CA ASP B 158 -0.17 3.94 0.72
C ASP B 158 -1.27 3.43 1.67
N ALA B 159 -1.19 3.80 2.95
CA ALA B 159 -2.17 3.45 4.02
C ALA B 159 -3.47 4.24 3.82
N LEU B 160 -3.37 5.57 3.77
CA LEU B 160 -4.48 6.53 3.47
C LEU B 160 -5.28 6.00 2.27
N LEU B 161 -4.61 5.79 1.13
CA LEU B 161 -5.21 5.48 -0.20
C LEU B 161 -5.89 4.11 -0.15
N LYS B 162 -5.31 3.16 0.57
CA LYS B 162 -5.91 1.81 0.78
C LYS B 162 -7.29 1.97 1.44
N GLN B 163 -7.46 3.01 2.27
CA GLN B 163 -8.63 3.21 3.18
C GLN B 163 -9.75 3.97 2.46
N ILE B 164 -9.40 4.98 1.67
CA ILE B 164 -10.36 5.72 0.78
C ILE B 164 -11.14 4.71 -0.06
N LYS B 165 -10.44 3.71 -0.62
CA LYS B 165 -10.99 2.61 -1.48
C LYS B 165 -12.03 1.81 -0.70
N PHE B 166 -11.74 1.43 0.55
CA PHE B 166 -12.65 0.69 1.48
C PHE B 166 -13.85 1.59 1.82
N VAL B 167 -13.63 2.91 2.00
CA VAL B 167 -14.67 3.93 2.33
C VAL B 167 -15.68 4.01 1.17
N VAL B 168 -15.17 4.44 0.01
CA VAL B 168 -15.96 4.79 -1.20
C VAL B 168 -16.68 3.54 -1.75
N GLU B 169 -16.09 2.35 -1.57
CA GLU B 169 -16.72 1.05 -1.95
C GLU B 169 -18.07 0.90 -1.23
N LYS B 170 -18.16 1.37 0.01
CA LYS B 170 -19.26 1.07 0.96
C LYS B 170 -20.31 2.18 0.95
N HIS B 171 -19.89 3.42 0.64
CA HIS B 171 -20.71 4.65 0.88
C HIS B 171 -21.32 5.15 -0.44
N VAL B 172 -22.56 5.62 -0.36
CA VAL B 172 -23.38 6.14 -1.51
C VAL B 172 -23.75 7.61 -1.21
N GLU B 173 -23.95 7.97 0.07
CA GLU B 173 -24.30 9.34 0.53
C GLU B 173 -23.24 10.30 -0.07
N SER B 174 -23.69 11.25 -0.90
CA SER B 174 -22.88 12.13 -1.77
C SER B 174 -21.72 12.80 -1.00
N ASP B 175 -21.98 13.33 0.20
CA ASP B 175 -20.99 14.15 0.96
C ASP B 175 -19.69 13.37 1.18
N VAL B 176 -19.79 12.04 1.37
CA VAL B 176 -18.64 11.12 1.53
C VAL B 176 -17.83 11.15 0.24
N LEU B 177 -18.52 10.82 -0.86
CA LEU B 177 -17.92 10.51 -2.19
C LEU B 177 -17.23 11.77 -2.70
N GLU B 178 -17.85 12.95 -2.48
CA GLU B 178 -17.28 14.26 -2.88
C GLU B 178 -15.98 14.45 -2.10
N ALA B 179 -16.02 14.20 -0.79
CA ALA B 179 -14.87 14.43 0.10
C ALA B 179 -13.74 13.45 -0.24
N CYS B 180 -14.03 12.19 -0.62
CA CYS B 180 -13.04 11.21 -1.16
C CYS B 180 -12.38 11.73 -2.44
N SER B 181 -13.22 12.10 -3.42
CA SER B 181 -12.83 12.58 -4.76
C SER B 181 -12.14 13.95 -4.64
N LYS B 182 -12.56 14.81 -3.71
CA LYS B 182 -11.92 16.13 -3.47
C LYS B 182 -10.52 15.96 -2.86
N THR B 183 -10.27 14.84 -2.17
CA THR B 183 -9.04 14.57 -1.38
C THR B 183 -7.95 14.07 -2.34
N TYR B 184 -8.26 13.01 -3.09
CA TYR B 184 -7.46 12.49 -4.24
C TYR B 184 -6.93 13.64 -5.12
N SER B 185 -7.77 14.64 -5.33
CA SER B 185 -7.48 15.82 -6.19
C SER B 185 -6.37 16.70 -5.56
N ILE B 186 -6.10 16.58 -4.26
CA ILE B 186 -5.00 17.30 -3.54
C ILE B 186 -3.75 16.41 -3.51
N LEU B 187 -3.96 15.08 -3.48
CA LEU B 187 -2.89 14.04 -3.48
C LEU B 187 -2.23 13.96 -4.87
N CYS B 188 -3.00 14.11 -5.95
CA CYS B 188 -2.49 14.39 -7.32
C CYS B 188 -2.11 15.89 -7.40
N SER B 189 -1.08 16.24 -6.63
CA SER B 189 -0.54 17.62 -6.47
C SER B 189 0.01 18.11 -7.81
N GLU B 190 0.65 17.20 -8.56
CA GLU B 190 1.35 17.38 -9.86
C GLU B 190 2.71 18.06 -9.63
N GLU B 191 3.34 17.75 -8.49
CA GLU B 191 4.71 18.22 -8.14
C GLU B 191 5.56 17.04 -7.67
N TYR B 192 5.21 16.47 -6.51
CA TYR B 192 6.14 15.74 -5.61
C TYR B 192 6.15 14.25 -5.97
N THR B 193 7.28 13.57 -5.71
CA THR B 193 7.63 12.16 -6.08
C THR B 193 6.45 11.20 -5.77
N ILE B 194 5.48 11.65 -4.97
CA ILE B 194 4.26 10.88 -4.58
C ILE B 194 3.33 10.76 -5.79
N GLN B 195 3.10 11.86 -6.52
CA GLN B 195 2.01 12.00 -7.51
C GLN B 195 1.89 10.70 -8.31
N ASN B 196 3.01 10.21 -8.84
CA ASN B 196 3.14 8.92 -9.57
C ASN B 196 2.37 7.82 -8.85
N ARG B 197 2.57 7.71 -7.52
CA ARG B 197 2.06 6.62 -6.65
C ARG B 197 0.53 6.71 -6.55
N VAL B 198 0.01 7.94 -6.48
CA VAL B 198 -1.45 8.25 -6.33
C VAL B 198 -2.17 7.82 -7.61
N ASP B 199 -1.72 8.34 -8.76
CA ASP B 199 -2.30 8.10 -10.11
C ASP B 199 -2.55 6.60 -10.30
N ILE B 200 -1.57 5.76 -9.97
CA ILE B 200 -1.60 4.29 -10.16
C ILE B 200 -2.73 3.70 -9.32
N ALA B 201 -3.02 4.32 -8.17
CA ALA B 201 -4.07 3.94 -7.19
C ALA B 201 -5.44 4.45 -7.67
N ARG B 202 -5.55 5.75 -7.93
CA ARG B 202 -6.74 6.37 -8.58
C ARG B 202 -7.21 5.48 -9.73
N SER B 203 -6.37 5.31 -10.77
CA SER B 203 -6.62 4.42 -11.94
C SER B 203 -7.07 3.05 -11.44
N GLN B 204 -6.36 2.48 -10.45
CA GLN B 204 -6.66 1.14 -9.89
C GLN B 204 -8.14 1.14 -9.46
N LEU B 205 -8.57 2.22 -8.80
CA LEU B 205 -9.92 2.34 -8.18
C LEU B 205 -11.00 2.42 -9.27
N ILE B 206 -10.86 3.41 -10.15
CA ILE B 206 -11.84 3.75 -11.23
C ILE B 206 -12.04 2.51 -12.09
N ASP B 207 -10.92 1.90 -12.53
CA ASP B 207 -10.84 0.63 -13.31
C ASP B 207 -11.80 -0.40 -12.68
N GLU B 208 -11.89 -0.44 -11.34
CA GLU B 208 -12.73 -1.41 -10.58
C GLU B 208 -14.21 -1.02 -10.65
N PHE B 209 -14.52 0.27 -10.53
CA PHE B 209 -15.91 0.79 -10.49
C PHE B 209 -16.57 0.68 -11.85
N VAL B 210 -15.78 0.78 -12.92
CA VAL B 210 -16.27 0.70 -14.32
C VAL B 210 -16.59 -0.77 -14.62
N ASP B 211 -15.66 -1.70 -14.36
CA ASP B 211 -15.84 -3.17 -14.53
C ASP B 211 -17.17 -3.60 -13.90
N ARG B 212 -17.43 -3.08 -12.70
CA ARG B 212 -18.62 -3.39 -11.86
C ARG B 212 -19.85 -2.65 -12.41
N PHE B 213 -19.69 -1.36 -12.79
CA PHE B 213 -20.76 -0.51 -13.38
C PHE B 213 -21.34 -1.21 -14.61
N ASN B 214 -20.49 -1.77 -15.46
CA ASN B 214 -20.87 -2.37 -16.77
C ASN B 214 -21.60 -3.71 -16.54
N HIS B 215 -21.04 -4.59 -15.72
CA HIS B 215 -21.69 -5.85 -15.28
C HIS B 215 -23.05 -5.51 -14.62
N SER B 216 -23.15 -4.36 -13.94
CA SER B 216 -24.39 -3.82 -13.31
C SER B 216 -25.45 -3.54 -14.38
N VAL B 217 -25.04 -2.89 -15.49
CA VAL B 217 -25.92 -2.40 -16.58
C VAL B 217 -26.35 -3.59 -17.45
N GLU B 218 -25.42 -4.49 -17.74
CA GLU B 218 -25.66 -5.65 -18.66
C GLU B 218 -26.69 -6.58 -17.99
N ASP B 219 -26.63 -6.72 -16.67
CA ASP B 219 -27.61 -7.50 -15.85
C ASP B 219 -28.95 -6.75 -15.79
N LEU B 220 -28.93 -5.41 -15.74
CA LEU B 220 -30.12 -4.54 -15.58
C LEU B 220 -31.04 -4.60 -16.81
N LEU B 221 -30.47 -4.39 -18.00
CA LEU B 221 -31.23 -4.37 -19.29
C LEU B 221 -31.56 -5.82 -19.71
N GLN B 222 -32.30 -6.49 -18.83
CA GLN B 222 -32.81 -7.89 -18.95
C GLN B 222 -34.19 -7.93 -18.29
N GLU B 223 -34.28 -7.55 -17.00
CA GLU B 223 -35.55 -7.25 -16.28
C GLU B 223 -35.60 -5.75 -15.99
N ASP B 228 -35.92 -6.37 -11.24
CA ASP B 228 -35.40 -6.85 -9.92
C ASP B 228 -34.61 -5.70 -9.26
N ASP B 229 -34.72 -5.56 -7.93
CA ASP B 229 -34.21 -4.40 -7.13
C ASP B 229 -32.69 -4.49 -6.96
N ASP B 230 -32.16 -5.64 -6.55
CA ASP B 230 -30.70 -5.85 -6.34
C ASP B 230 -29.95 -5.41 -7.62
N ASP B 231 -30.56 -5.68 -8.78
CA ASP B 231 -30.15 -5.10 -10.09
C ASP B 231 -30.07 -3.58 -9.89
N ILE B 232 -31.23 -2.91 -9.76
CA ILE B 232 -31.41 -1.42 -9.79
C ILE B 232 -30.31 -0.77 -8.95
N TYR B 233 -30.08 -1.25 -7.73
CA TYR B 233 -29.17 -0.61 -6.73
C TYR B 233 -27.73 -0.69 -7.22
N ASN B 234 -27.26 -1.88 -7.66
CA ASN B 234 -25.92 -2.09 -8.28
C ASN B 234 -25.58 -0.90 -9.17
N VAL B 235 -26.50 -0.54 -10.05
CA VAL B 235 -26.36 0.56 -11.06
C VAL B 235 -26.25 1.90 -10.35
N LEU B 236 -27.27 2.31 -9.59
CA LEU B 236 -27.37 3.68 -8.98
C LEU B 236 -26.16 3.95 -8.10
N SER B 237 -25.69 2.94 -7.36
CA SER B 237 -24.52 3.05 -6.46
C SER B 237 -23.27 3.24 -7.31
N THR B 238 -23.00 2.27 -8.21
CA THR B 238 -21.76 2.18 -9.04
C THR B 238 -21.63 3.47 -9.87
N LEU B 239 -22.75 3.96 -10.41
CA LEU B 239 -22.84 5.20 -11.22
C LEU B 239 -22.54 6.42 -10.33
N LYS B 240 -23.23 6.53 -9.19
CA LYS B 240 -23.14 7.67 -8.23
C LYS B 240 -21.67 7.87 -7.82
N ARG B 241 -20.96 6.78 -7.52
CA ARG B 241 -19.51 6.79 -7.19
C ARG B 241 -18.73 7.43 -8.35
N LEU B 242 -18.91 6.88 -9.55
CA LEU B 242 -18.17 7.31 -10.77
C LEU B 242 -18.47 8.78 -11.01
N THR B 243 -19.75 9.13 -10.90
CA THR B 243 -20.27 10.50 -11.18
C THR B 243 -19.57 11.54 -10.30
N SER B 244 -19.64 11.44 -8.97
CA SER B 244 -19.04 12.44 -8.04
C SER B 244 -17.53 12.54 -8.30
N PHE B 245 -16.92 11.46 -8.77
CA PHE B 245 -15.50 11.44 -9.20
C PHE B 245 -15.31 12.23 -10.50
N HIS B 246 -16.26 12.11 -11.44
CA HIS B 246 -16.14 12.65 -12.82
C HIS B 246 -16.05 14.19 -12.83
N ASN B 247 -16.50 14.88 -11.78
CA ASN B 247 -16.42 16.36 -11.70
C ASN B 247 -14.95 16.77 -11.66
N ALA B 248 -14.22 16.28 -10.66
CA ALA B 248 -12.86 16.72 -10.30
C ALA B 248 -11.82 15.93 -11.13
N HIS B 249 -12.16 14.73 -11.60
CA HIS B 249 -11.24 13.75 -12.23
C HIS B 249 -11.71 13.39 -13.64
N ASP B 250 -10.96 13.79 -14.66
CA ASP B 250 -11.16 13.41 -16.08
C ASP B 250 -11.21 11.88 -16.21
N LEU B 251 -12.40 11.31 -16.44
CA LEU B 251 -12.60 9.86 -16.73
C LEU B 251 -13.10 9.69 -18.17
N THR B 252 -12.39 10.28 -19.16
CA THR B 252 -12.72 10.15 -20.60
C THR B 252 -12.11 8.86 -21.14
N LYS B 253 -10.85 8.54 -20.80
CA LYS B 253 -10.17 7.27 -21.15
C LYS B 253 -11.13 6.09 -20.90
N TRP B 254 -12.06 6.20 -19.93
CA TRP B 254 -13.15 5.22 -19.66
C TRP B 254 -14.41 5.67 -20.42
N ASP B 255 -15.02 4.80 -21.22
CA ASP B 255 -16.22 5.14 -22.04
C ASP B 255 -17.47 4.96 -21.17
N LEU B 256 -17.87 6.03 -20.49
CA LEU B 256 -19.04 6.06 -19.58
C LEU B 256 -20.27 6.58 -20.35
N PHE B 257 -20.08 7.66 -21.11
CA PHE B 257 -21.15 8.33 -21.89
C PHE B 257 -21.94 7.28 -22.68
N GLY B 258 -21.24 6.33 -23.30
CA GLY B 258 -21.88 5.19 -23.98
C GLY B 258 -22.99 4.60 -23.12
N ASN B 259 -22.63 4.14 -21.92
CA ASN B 259 -23.56 3.42 -21.01
C ASN B 259 -24.63 4.37 -20.50
N CYS B 260 -24.24 5.56 -20.03
CA CYS B 260 -25.17 6.61 -19.56
C CYS B 260 -26.17 6.98 -20.67
N TYR B 261 -25.76 6.92 -21.94
CA TYR B 261 -26.63 7.26 -23.11
C TYR B 261 -27.64 6.14 -23.35
N ARG B 262 -27.22 4.88 -23.25
CA ARG B 262 -28.14 3.72 -23.37
C ARG B 262 -29.20 3.82 -22.26
N LEU B 263 -28.75 4.00 -21.01
CA LEU B 263 -29.61 4.08 -19.79
C LEU B 263 -30.70 5.14 -19.97
N LEU B 264 -30.34 6.31 -20.49
CA LEU B 264 -31.30 7.44 -20.68
C LEU B 264 -32.27 7.10 -21.82
N LYS B 265 -31.78 6.48 -22.89
CA LYS B 265 -32.60 6.07 -24.05
C LYS B 265 -33.57 4.96 -23.61
N THR B 266 -33.09 3.95 -22.90
CA THR B 266 -33.92 2.86 -22.31
C THR B 266 -35.11 3.50 -21.59
N GLY B 267 -34.83 4.52 -20.76
CA GLY B 267 -35.82 5.17 -19.88
C GLY B 267 -36.76 6.11 -20.61
N ILE B 268 -36.42 6.52 -21.85
CA ILE B 268 -37.28 7.39 -22.72
C ILE B 268 -38.28 6.54 -23.50
N GLU B 269 -37.83 5.49 -24.21
CA GLU B 269 -38.70 4.65 -25.09
C GLU B 269 -39.71 3.86 -24.24
N HIS B 270 -39.37 3.53 -22.98
CA HIS B 270 -40.27 2.82 -22.01
C HIS B 270 -40.78 3.82 -20.96
N GLY B 271 -39.90 4.25 -20.06
CA GLY B 271 -40.24 4.95 -18.82
C GLY B 271 -39.93 4.11 -17.58
N ALA B 272 -39.27 2.96 -17.75
CA ALA B 272 -39.10 1.92 -16.71
C ALA B 272 -37.78 2.10 -15.93
N MET B 273 -37.21 3.32 -15.91
CA MET B 273 -35.86 3.62 -15.35
C MET B 273 -36.00 4.52 -14.12
N PRO B 274 -35.62 4.06 -12.91
CA PRO B 274 -35.69 4.87 -11.69
C PRO B 274 -35.16 6.31 -11.83
N GLU B 275 -35.71 7.22 -11.05
CA GLU B 275 -35.51 8.69 -11.20
C GLU B 275 -34.07 9.06 -10.86
N GLN B 276 -33.42 8.37 -9.92
CA GLN B 276 -32.04 8.71 -9.47
C GLN B 276 -31.04 8.32 -10.58
N ILE B 277 -31.12 7.08 -11.08
CA ILE B 277 -30.24 6.56 -12.17
C ILE B 277 -30.27 7.53 -13.36
N VAL B 278 -31.45 8.03 -13.70
CA VAL B 278 -31.63 9.03 -14.80
C VAL B 278 -30.91 10.32 -14.42
N VAL B 279 -31.02 10.76 -13.17
CA VAL B 279 -30.43 12.06 -12.70
C VAL B 279 -28.91 11.95 -12.77
N GLN B 280 -28.36 10.84 -12.28
CA GLN B 280 -26.88 10.64 -12.17
C GLN B 280 -26.30 10.51 -13.60
N ALA B 281 -26.95 9.73 -14.46
CA ALA B 281 -26.53 9.49 -15.86
C ALA B 281 -26.35 10.85 -16.56
N LEU B 282 -27.37 11.71 -16.47
CA LEU B 282 -27.33 13.10 -17.03
C LEU B 282 -26.12 13.84 -16.47
N GLN B 283 -25.99 13.84 -15.14
CA GLN B 283 -24.90 14.55 -14.42
C GLN B 283 -23.55 14.01 -14.92
N CYS B 284 -23.41 12.68 -15.08
CA CYS B 284 -22.15 12.03 -15.53
C CYS B 284 -21.84 12.44 -16.97
N SER B 285 -22.82 12.23 -17.87
CA SER B 285 -22.72 12.48 -19.33
C SER B 285 -22.29 13.94 -19.54
N HIS B 286 -22.80 14.85 -18.72
CA HIS B 286 -22.45 16.30 -18.73
C HIS B 286 -20.99 16.49 -18.30
N TYR B 287 -20.52 15.74 -17.30
CA TYR B 287 -19.13 15.83 -16.84
C TYR B 287 -18.24 15.36 -18.00
N SER B 288 -18.54 14.19 -18.56
CA SER B 288 -17.80 13.62 -19.72
C SER B 288 -17.59 14.71 -20.76
N ILE B 289 -18.70 15.36 -21.14
CA ILE B 289 -18.73 16.40 -22.21
C ILE B 289 -17.81 17.55 -21.78
N LEU B 290 -17.97 18.06 -20.58
CA LEU B 290 -17.14 19.19 -20.05
C LEU B 290 -15.65 18.85 -20.18
N TRP B 291 -15.27 17.61 -19.88
CA TRP B 291 -13.85 17.14 -19.94
C TRP B 291 -13.43 17.00 -21.41
N GLN B 292 -14.33 16.52 -22.28
CA GLN B 292 -14.06 16.41 -23.74
C GLN B 292 -13.73 17.81 -24.29
N LEU B 293 -14.49 18.85 -23.93
CA LEU B 293 -14.28 20.26 -24.40
C LEU B 293 -12.94 20.80 -23.90
N VAL B 294 -12.47 20.38 -22.72
CA VAL B 294 -11.21 20.87 -22.11
C VAL B 294 -10.02 20.24 -22.85
N LYS B 295 -10.13 18.96 -23.23
CA LYS B 295 -9.10 18.24 -24.05
C LYS B 295 -8.89 19.03 -25.35
N ILE B 296 -9.97 19.61 -25.88
CA ILE B 296 -10.01 20.35 -27.18
C ILE B 296 -9.57 21.80 -26.96
N THR B 297 -10.18 22.50 -26.00
CA THR B 297 -9.90 23.94 -25.72
C THR B 297 -8.45 24.13 -25.26
N ASP B 298 -7.76 23.05 -24.85
CA ASP B 298 -6.38 23.10 -24.28
C ASP B 298 -5.39 22.22 -25.06
N GLY B 299 -5.83 21.46 -26.06
CA GLY B 299 -4.94 20.78 -27.02
C GLY B 299 -4.80 21.61 -28.29
N SER B 300 -4.47 20.97 -29.41
CA SER B 300 -4.77 21.49 -30.77
C SER B 300 -5.54 20.40 -31.52
N PRO B 301 -6.81 20.65 -31.92
CA PRO B 301 -7.68 19.62 -32.50
C PRO B 301 -7.77 19.59 -34.03
N SER B 302 -7.90 18.39 -34.61
CA SER B 302 -8.19 18.17 -36.05
C SER B 302 -9.69 18.38 -36.27
N LYS B 303 -10.11 18.63 -37.51
CA LYS B 303 -11.53 18.86 -37.86
C LYS B 303 -12.35 17.63 -37.46
N GLU B 304 -11.81 16.43 -37.63
CA GLU B 304 -12.48 15.14 -37.28
C GLU B 304 -12.81 15.15 -35.78
N ASP B 305 -11.85 15.57 -34.95
CA ASP B 305 -11.99 15.66 -33.47
C ASP B 305 -13.20 16.56 -33.13
N LEU B 306 -13.34 17.70 -33.81
CA LEU B 306 -14.44 18.66 -33.54
C LEU B 306 -15.80 18.02 -33.85
N LEU B 307 -15.91 17.25 -34.94
CA LEU B 307 -17.20 16.70 -35.41
C LEU B 307 -17.67 15.62 -34.43
N VAL B 308 -16.74 14.79 -33.96
CA VAL B 308 -17.03 13.61 -33.08
C VAL B 308 -17.74 14.09 -31.81
N LEU B 309 -17.37 15.28 -31.31
CA LEU B 309 -17.98 15.93 -30.11
C LEU B 309 -19.35 16.54 -30.48
N ARG B 310 -19.41 17.35 -31.55
CA ARG B 310 -20.65 18.03 -32.00
C ARG B 310 -21.78 16.99 -32.15
N LYS B 311 -21.43 15.80 -32.63
CA LYS B 311 -22.35 14.63 -32.73
C LYS B 311 -22.91 14.34 -31.34
N THR B 312 -22.05 13.88 -30.43
CA THR B 312 -22.33 13.60 -28.99
C THR B 312 -23.23 14.70 -28.42
N VAL B 313 -22.72 15.94 -28.36
CA VAL B 313 -23.40 17.09 -27.68
C VAL B 313 -24.86 17.13 -28.15
N LYS B 314 -25.10 16.98 -29.46
CA LYS B 314 -26.48 16.91 -30.01
C LYS B 314 -27.20 15.69 -29.41
N SER B 315 -26.63 14.48 -29.53
CA SER B 315 -27.20 13.23 -28.94
C SER B 315 -27.71 13.53 -27.53
N PHE B 316 -26.87 14.19 -26.73
CA PHE B 316 -27.17 14.55 -25.33
C PHE B 316 -28.32 15.55 -25.32
N LEU B 317 -28.09 16.76 -25.85
CA LEU B 317 -29.08 17.87 -25.90
C LEU B 317 -30.47 17.29 -26.22
N ALA B 318 -30.57 16.53 -27.30
CA ALA B 318 -31.73 15.70 -27.71
C ALA B 318 -32.22 14.86 -26.52
N VAL B 319 -31.34 14.13 -25.83
CA VAL B 319 -31.73 13.32 -24.63
C VAL B 319 -32.26 14.27 -23.54
N CYS B 320 -31.60 15.42 -23.33
CA CYS B 320 -31.95 16.41 -22.28
C CYS B 320 -33.33 17.05 -22.56
N GLN B 321 -33.65 17.38 -23.81
CA GLN B 321 -35.00 17.90 -24.17
C GLN B 321 -36.01 16.78 -23.93
N GLN B 322 -35.75 15.58 -24.46
CA GLN B 322 -36.64 14.40 -24.30
C GLN B 322 -36.97 14.23 -22.80
N CYS B 323 -36.05 14.64 -21.92
CA CYS B 323 -36.16 14.51 -20.43
C CYS B 323 -37.06 15.58 -19.79
N LEU B 324 -37.25 16.75 -20.44
CA LEU B 324 -38.08 17.85 -19.88
C LEU B 324 -39.53 17.40 -19.73
N SER B 325 -39.92 16.35 -20.45
CA SER B 325 -41.27 15.72 -20.39
C SER B 325 -41.27 14.57 -19.38
N ASN B 326 -40.18 14.32 -18.66
CA ASN B 326 -40.08 13.17 -17.70
C ASN B 326 -41.03 13.43 -16.52
N VAL B 327 -41.61 12.36 -15.97
CA VAL B 327 -42.68 12.44 -14.93
C VAL B 327 -42.09 13.02 -13.64
N ASN B 328 -40.95 12.51 -13.15
CA ASN B 328 -40.34 12.87 -11.85
C ASN B 328 -39.70 14.26 -11.97
N THR B 329 -40.02 15.15 -11.03
CA THR B 329 -39.64 16.60 -11.07
C THR B 329 -38.13 16.77 -10.91
N PRO B 330 -37.42 16.00 -10.04
CA PRO B 330 -35.97 16.04 -10.06
C PRO B 330 -35.46 15.98 -11.51
N VAL B 331 -35.79 14.89 -12.22
CA VAL B 331 -35.30 14.58 -13.60
C VAL B 331 -35.46 15.81 -14.51
N LYS B 332 -36.53 16.58 -14.30
CA LYS B 332 -36.88 17.75 -15.15
C LYS B 332 -35.96 18.93 -14.80
N GLU B 333 -35.66 19.13 -13.51
CA GLU B 333 -34.86 20.28 -13.05
C GLU B 333 -33.41 20.08 -13.50
N GLN B 334 -32.92 18.83 -13.41
CA GLN B 334 -31.54 18.45 -13.86
C GLN B 334 -31.43 18.73 -15.36
N ALA B 335 -32.23 18.02 -16.16
CA ALA B 335 -32.35 18.23 -17.62
C ALA B 335 -32.18 19.72 -17.90
N PHE B 336 -33.05 20.55 -17.29
CA PHE B 336 -33.24 22.00 -17.58
C PHE B 336 -31.95 22.78 -17.27
N MET B 337 -31.35 22.50 -16.11
CA MET B 337 -30.10 23.17 -15.64
C MET B 337 -28.99 22.85 -16.65
N LEU B 338 -28.85 21.56 -16.99
CA LEU B 338 -27.79 21.05 -17.89
C LEU B 338 -27.90 21.74 -19.25
N LEU B 339 -29.13 21.91 -19.76
CA LEU B 339 -29.41 22.63 -21.04
C LEU B 339 -28.96 24.09 -20.91
N CYS B 340 -29.45 24.79 -19.87
CA CYS B 340 -29.17 26.23 -19.58
C CYS B 340 -27.65 26.45 -19.45
N ASP B 341 -26.96 25.49 -18.85
CA ASP B 341 -25.47 25.50 -18.74
C ASP B 341 -24.86 25.19 -20.12
N LEU B 342 -25.38 24.18 -20.83
CA LEU B 342 -24.78 23.71 -22.12
C LEU B 342 -24.92 24.76 -23.22
N LEU B 343 -26.09 25.40 -23.35
CA LEU B 343 -26.37 26.42 -24.41
C LEU B 343 -25.47 27.64 -24.23
N MET B 344 -25.11 27.94 -22.97
CA MET B 344 -24.15 29.00 -22.57
C MET B 344 -22.73 28.57 -23.00
N ILE B 345 -22.41 27.28 -22.87
CA ILE B 345 -21.05 26.69 -23.08
C ILE B 345 -20.76 26.53 -24.58
N PHE B 346 -21.79 26.31 -25.40
CA PHE B 346 -21.65 26.11 -26.87
C PHE B 346 -22.35 27.28 -27.61
N SER B 347 -21.63 28.39 -27.73
CA SER B 347 -22.17 29.67 -28.25
C SER B 347 -20.98 30.57 -28.58
N HIS B 348 -21.23 31.73 -29.20
CA HIS B 348 -20.18 32.69 -29.65
C HIS B 348 -19.18 32.89 -28.50
N GLN B 349 -19.64 32.89 -27.24
CA GLN B 349 -18.78 33.02 -26.03
C GLN B 349 -17.59 32.08 -26.18
N LEU B 350 -17.81 30.88 -26.74
CA LEU B 350 -16.79 29.82 -26.98
C LEU B 350 -15.69 30.33 -27.91
N MET B 351 -16.02 31.23 -28.86
CA MET B 351 -15.16 31.59 -30.01
C MET B 351 -14.25 32.80 -29.66
N THR B 352 -14.76 33.79 -28.93
CA THR B 352 -14.06 35.07 -28.65
C THR B 352 -12.67 34.79 -28.07
N GLY B 353 -11.83 35.83 -28.06
CA GLY B 353 -10.40 35.75 -27.67
C GLY B 353 -9.62 34.83 -28.59
N GLY B 354 -9.75 35.03 -29.91
CA GLY B 354 -8.95 34.37 -30.97
C GLY B 354 -9.14 32.86 -31.03
N ARG B 355 -10.33 32.34 -30.65
CA ARG B 355 -10.65 30.88 -30.64
C ARG B 355 -11.73 30.58 -31.70
N GLU B 356 -11.59 31.16 -32.90
CA GLU B 356 -12.58 31.07 -34.01
C GLU B 356 -12.56 29.67 -34.61
N GLY B 357 -11.43 28.95 -34.45
CA GLY B 357 -11.28 27.55 -34.89
C GLY B 357 -12.46 26.67 -34.49
N LEU B 358 -13.10 26.97 -33.35
CA LEU B 358 -14.15 26.14 -32.71
C LEU B 358 -15.56 26.60 -33.12
N GLN B 359 -15.73 27.01 -34.37
CA GLN B 359 -17.04 27.41 -34.94
C GLN B 359 -18.00 26.20 -34.94
N PRO B 360 -17.56 24.98 -35.38
CA PRO B 360 -18.50 23.89 -35.60
C PRO B 360 -19.08 23.23 -34.34
N LEU B 361 -18.68 23.70 -33.15
CA LEU B 361 -19.17 23.21 -31.82
C LEU B 361 -20.32 24.09 -31.33
N VAL B 362 -20.39 25.33 -31.79
CA VAL B 362 -21.48 26.30 -31.45
C VAL B 362 -22.84 25.61 -31.67
N PHE B 363 -23.83 25.96 -30.86
CA PHE B 363 -25.26 25.66 -31.06
C PHE B 363 -26.07 26.94 -30.87
N ASN B 364 -26.97 27.22 -31.80
CA ASN B 364 -28.13 28.10 -31.55
C ASN B 364 -29.31 27.18 -31.30
N PRO B 365 -30.10 27.40 -30.23
CA PRO B 365 -31.28 26.57 -29.97
C PRO B 365 -32.39 26.88 -30.99
N ASP B 366 -33.15 25.86 -31.38
CA ASP B 366 -34.32 26.01 -32.29
C ASP B 366 -35.49 26.61 -31.51
N THR B 367 -36.50 27.13 -32.22
CA THR B 367 -37.72 27.77 -31.65
C THR B 367 -38.48 26.78 -30.76
N GLY B 368 -38.52 25.50 -31.16
CA GLY B 368 -39.16 24.42 -30.40
C GLY B 368 -38.60 24.34 -28.99
N LEU B 369 -37.27 24.35 -28.86
CA LEU B 369 -36.54 24.26 -27.56
C LEU B 369 -36.81 25.54 -26.74
N GLN B 370 -36.37 26.71 -27.22
CA GLN B 370 -36.61 28.03 -26.57
C GLN B 370 -38.04 28.09 -26.04
N SER B 371 -39.02 27.76 -26.89
CA SER B 371 -40.44 27.61 -26.50
C SER B 371 -40.56 26.67 -25.30
N GLU B 372 -39.87 25.52 -25.32
CA GLU B 372 -40.03 24.44 -24.29
C GLU B 372 -39.25 24.78 -23.02
N LEU B 373 -38.16 25.55 -23.11
CA LEU B 373 -37.41 26.11 -21.94
C LEU B 373 -38.25 27.20 -21.28
N LEU B 374 -38.75 28.14 -22.08
CA LEU B 374 -39.73 29.16 -21.64
C LEU B 374 -40.86 28.49 -20.83
N SER B 375 -41.50 27.45 -21.38
CA SER B 375 -42.70 26.78 -20.82
C SER B 375 -42.37 26.00 -19.54
N PHE B 376 -41.08 25.69 -19.31
CA PHE B 376 -40.58 25.05 -18.07
C PHE B 376 -40.45 26.10 -16.95
N VAL B 377 -40.01 27.32 -17.29
CA VAL B 377 -39.84 28.43 -16.31
C VAL B 377 -41.22 28.83 -15.78
N MET B 378 -42.19 29.04 -16.68
CA MET B 378 -43.59 29.40 -16.32
C MET B 378 -44.18 28.33 -15.41
N ASP B 379 -43.97 27.06 -15.71
CA ASP B 379 -44.50 25.93 -14.91
C ASP B 379 -43.89 25.97 -13.51
N HIS B 380 -42.56 25.97 -13.38
CA HIS B 380 -41.81 25.59 -12.14
C HIS B 380 -41.28 26.80 -11.35
N VAL B 381 -41.38 28.03 -11.87
CA VAL B 381 -40.81 29.24 -11.22
C VAL B 381 -41.95 30.15 -10.70
N PHE B 382 -43.11 30.19 -11.36
CA PHE B 382 -44.18 31.21 -11.11
C PHE B 382 -45.45 30.52 -10.57
N ILE B 383 -45.58 30.43 -9.23
CA ILE B 383 -46.59 29.62 -8.48
C ILE B 383 -47.21 30.47 -7.34
N ASP B 384 -48.20 29.93 -6.63
CA ASP B 384 -48.81 30.51 -5.40
C ASP B 384 -47.74 31.30 -4.63
N ASP B 398 -43.24 24.25 8.85
CA ASP B 398 -41.81 24.56 9.13
C ASP B 398 -41.37 25.70 8.21
N GLU B 399 -41.10 26.88 8.80
CA GLU B 399 -40.81 28.16 8.10
C GLU B 399 -39.37 28.17 7.53
N ALA B 400 -38.57 27.16 7.87
CA ALA B 400 -37.20 26.95 7.33
C ALA B 400 -37.25 26.08 6.07
N ASN B 401 -38.35 25.35 5.84
CA ASN B 401 -38.46 24.31 4.78
C ASN B 401 -38.97 24.90 3.45
N LYS B 402 -39.50 26.12 3.46
CA LYS B 402 -40.03 26.79 2.24
C LYS B 402 -38.94 27.65 1.60
N ILE B 403 -38.01 28.20 2.39
CA ILE B 403 -36.79 28.93 1.91
C ILE B 403 -35.82 27.88 1.34
N GLU B 404 -36.05 26.61 1.64
CA GLU B 404 -35.47 25.45 0.91
C GLU B 404 -35.73 25.65 -0.59
N ALA B 405 -37.00 25.56 -1.00
CA ALA B 405 -37.45 25.52 -2.41
C ALA B 405 -37.28 26.86 -3.13
N LEU B 406 -37.18 27.99 -2.41
CA LEU B 406 -37.11 29.35 -3.02
C LEU B 406 -35.78 29.53 -3.74
N HIS B 407 -34.65 29.23 -3.07
CA HIS B 407 -33.28 29.37 -3.61
C HIS B 407 -33.08 28.37 -4.77
N LYS B 408 -33.82 27.25 -4.75
CA LYS B 408 -33.85 26.27 -5.87
C LYS B 408 -34.51 26.94 -7.09
N ARG B 409 -35.74 27.45 -6.92
CA ARG B 409 -36.50 28.12 -8.01
C ARG B 409 -35.62 29.23 -8.60
N ARG B 410 -35.19 30.16 -7.75
CA ARG B 410 -34.35 31.33 -8.12
C ARG B 410 -33.16 30.88 -9.00
N ASN B 411 -32.59 29.70 -8.74
CA ASN B 411 -31.43 29.14 -9.50
C ASN B 411 -31.88 28.69 -10.90
N LEU B 412 -33.07 28.10 -11.03
CA LEU B 412 -33.66 27.70 -12.34
C LEU B 412 -33.78 28.96 -13.20
N LEU B 413 -34.25 30.06 -12.62
CA LEU B 413 -34.48 31.37 -13.29
C LEU B 413 -33.15 32.02 -13.67
N ALA B 414 -32.21 32.12 -12.72
CA ALA B 414 -30.89 32.77 -12.90
C ALA B 414 -30.14 32.11 -14.07
N ALA B 415 -30.33 30.80 -14.25
CA ALA B 415 -29.71 29.97 -15.31
C ALA B 415 -30.33 30.33 -16.67
N PHE B 416 -31.64 30.58 -16.71
CA PHE B 416 -32.41 30.97 -17.93
C PHE B 416 -32.18 32.46 -18.24
N SER B 417 -32.08 33.30 -17.21
CA SER B 417 -31.77 34.75 -17.32
C SER B 417 -30.43 34.93 -18.05
N LYS B 418 -29.42 34.14 -17.68
CA LYS B 418 -28.05 34.25 -18.24
C LYS B 418 -28.13 34.05 -19.76
N LEU B 419 -29.01 33.17 -20.24
CA LEU B 419 -29.21 32.94 -21.70
C LEU B 419 -29.65 34.24 -22.38
N ILE B 420 -30.36 35.11 -21.65
CA ILE B 420 -31.05 36.31 -22.21
C ILE B 420 -30.13 37.53 -22.20
N ILE B 421 -29.22 37.68 -21.23
CA ILE B 421 -28.22 38.80 -21.24
C ILE B 421 -27.16 38.50 -22.31
N TYR B 422 -26.92 37.23 -22.64
CA TYR B 422 -25.81 36.76 -23.52
C TYR B 422 -26.29 36.52 -24.96
N ASP B 423 -27.53 36.91 -25.30
CA ASP B 423 -28.06 37.03 -26.70
C ASP B 423 -28.65 35.71 -27.21
N ILE B 424 -28.74 34.68 -26.37
CA ILE B 424 -28.84 33.25 -26.79
C ILE B 424 -30.31 32.83 -26.98
N VAL B 425 -31.22 33.33 -26.14
CA VAL B 425 -32.68 33.06 -26.26
C VAL B 425 -33.37 34.41 -26.42
N ASP B 426 -34.28 34.52 -27.39
CA ASP B 426 -34.87 35.82 -27.81
C ASP B 426 -35.82 36.32 -26.72
N MET B 427 -35.64 37.58 -26.30
CA MET B 427 -36.33 38.20 -25.15
C MET B 427 -37.81 38.44 -25.48
N HIS B 428 -38.16 38.67 -26.74
CA HIS B 428 -39.56 38.97 -27.19
C HIS B 428 -40.42 37.70 -27.02
N ALA B 429 -39.87 36.53 -27.36
CA ALA B 429 -40.51 35.21 -27.10
C ALA B 429 -40.52 34.97 -25.59
N ALA B 430 -39.44 35.39 -24.91
CA ALA B 430 -39.13 35.10 -23.49
C ALA B 430 -39.71 36.18 -22.57
N ALA B 431 -40.56 37.08 -23.08
CA ALA B 431 -41.18 38.17 -22.28
C ALA B 431 -42.41 37.63 -21.53
N ASP B 432 -42.59 36.31 -21.48
CA ASP B 432 -43.67 35.64 -20.69
C ASP B 432 -43.35 35.70 -19.19
N ILE B 433 -42.09 35.97 -18.80
CA ILE B 433 -41.60 35.94 -17.39
C ILE B 433 -41.84 37.29 -16.69
N PHE B 434 -41.53 38.41 -17.37
CA PHE B 434 -41.61 39.80 -16.83
C PHE B 434 -43.07 40.26 -16.73
N LYS B 435 -44.00 39.51 -17.36
CA LYS B 435 -45.48 39.64 -17.19
C LYS B 435 -45.82 39.68 -15.70
N HIS B 436 -45.27 38.73 -14.92
CA HIS B 436 -45.38 38.69 -13.43
C HIS B 436 -44.02 39.11 -12.83
N TYR B 437 -43.62 40.38 -13.05
CA TYR B 437 -42.38 41.02 -12.53
C TYR B 437 -42.64 41.64 -11.16
N MET B 438 -43.60 42.57 -11.10
CA MET B 438 -44.04 43.24 -9.85
C MET B 438 -44.55 42.16 -8.88
N LYS B 439 -45.52 41.33 -9.29
CA LYS B 439 -46.21 40.34 -8.42
C LYS B 439 -45.14 39.60 -7.61
N TYR B 440 -44.06 39.19 -8.25
CA TYR B 440 -42.91 38.48 -7.62
C TYR B 440 -41.67 39.38 -7.61
N TYR B 441 -41.77 40.60 -7.07
CA TYR B 441 -40.56 41.43 -6.83
C TYR B 441 -39.87 40.94 -5.55
N ASN B 442 -40.62 40.55 -4.52
CA ASN B 442 -40.03 40.07 -3.23
C ASN B 442 -39.22 38.79 -3.52
N ASP B 443 -39.77 37.89 -4.34
CA ASP B 443 -39.20 36.54 -4.61
C ASP B 443 -38.07 36.64 -5.66
N TYR B 444 -38.30 37.27 -6.82
CA TYR B 444 -37.40 37.18 -8.01
C TYR B 444 -36.97 38.56 -8.57
N GLY B 445 -37.47 39.66 -8.00
CA GLY B 445 -37.26 41.04 -8.51
C GLY B 445 -35.81 41.36 -8.84
N ASP B 446 -34.88 41.12 -7.92
CA ASP B 446 -33.43 41.40 -8.11
C ASP B 446 -32.98 40.75 -9.42
N ILE B 447 -33.27 39.44 -9.59
CA ILE B 447 -32.80 38.61 -10.75
C ILE B 447 -33.36 39.24 -12.02
N ILE B 448 -34.66 39.50 -12.08
CA ILE B 448 -35.32 40.07 -13.29
C ILE B 448 -34.72 41.46 -13.56
N LYS B 449 -34.87 42.41 -12.63
CA LYS B 449 -34.44 43.83 -12.86
C LYS B 449 -32.96 43.89 -13.32
N GLU B 450 -32.14 42.88 -13.00
CA GLU B 450 -30.74 42.76 -13.50
C GLU B 450 -30.73 42.29 -14.96
N THR B 451 -31.75 41.51 -15.37
CA THR B 451 -31.97 40.99 -16.75
C THR B 451 -32.37 42.13 -17.68
N LEU B 452 -33.43 42.86 -17.30
CA LEU B 452 -34.00 44.00 -18.09
C LEU B 452 -32.92 45.08 -18.23
N SER B 453 -32.29 45.45 -17.11
CA SER B 453 -31.19 46.46 -17.05
C SER B 453 -30.19 46.23 -18.19
N LYS B 454 -29.47 45.10 -18.18
CA LYS B 454 -28.20 44.92 -18.94
C LYS B 454 -28.45 44.59 -20.42
N THR B 455 -29.69 44.27 -20.80
CA THR B 455 -30.08 44.06 -22.23
C THR B 455 -30.50 45.41 -22.83
N1 O2P C . 11.38 -34.20 -0.72
C4 O2P C . 12.80 -32.93 0.84
C5 O2P C . 11.77 -33.00 -0.08
C6 O2P C . 11.87 -35.48 -0.52
C7 O2P C . 11.41 -36.62 -1.42
C8 O2P C . 10.22 -36.50 -2.12
C10 O2P C . 10.43 -38.70 -3.04
C13 O2P C . 13.42 -38.12 -0.84
C15 O2P C . 11.41 -30.62 0.23
C1 O2P C . 12.86 -29.29 1.80
C2 O2P C . 12.45 -30.57 1.15
C3 O2P C . 13.13 -31.73 1.44
O1 O2P C . 12.65 -35.69 0.40
C9 O2P C . 9.73 -37.52 -2.92
C11 O2P C . 11.61 -38.85 -2.36
C12 O2P C . 12.12 -37.84 -1.54
C14 O2P C . 11.07 -31.83 -0.39
O2 O2P C . 10.07 -31.89 -1.28
#